data_6K7Z
#
_entry.id   6K7Z
#
_cell.length_a   68.618
_cell.length_b   87.486
_cell.length_c   88.836
_cell.angle_alpha   90.00
_cell.angle_beta   95.30
_cell.angle_gamma   90.00
#
_symmetry.space_group_name_H-M   'P 1 2 1'
#
loop_
_entity.id
_entity.type
_entity.pdbx_description
1 polymer 'GH18 chiitnase'
2 water water
#
_entity_poly.entity_id   1
_entity_poly.type   'polypeptide(L)'
_entity_poly.pdbx_seq_one_letter_code
;MSKTITYYNSGAVPLINASELPYDVVNLAFLSSSSNNPFNLVLSGAIAATESSFTTNTIEAIKVMQHKGQKVLISFGGGT
MGSNAYRSLSEDTAKLADSLASFVKNNQLDGVDIDYEDTAAFTGQAGYDGAQFLISLTQELRKRLPSPDYIISHAPQPPY
LEQGGYMAGYVEVVELVGQEIDWLNVQFYNNPPWSANPDQIVSSYLNYTKLPNMSPEKVIAGFPVTQNDAGSGYMPVQTI
INEVIKPIQQQSSLGGIMNWQFSSDHNGDWIKAIAQSLNSLEHHHHHH
;
_entity_poly.pdbx_strand_id   A,B,C,D
#
# COMPACT_ATOMS: atom_id res chain seq x y z
N SER A 2 23.79 22.35 -17.09
CA SER A 2 24.83 22.08 -16.14
C SER A 2 25.21 23.38 -15.50
N LYS A 3 25.81 23.30 -14.33
CA LYS A 3 26.14 24.47 -13.54
C LYS A 3 27.64 24.50 -13.32
N THR A 4 28.22 25.68 -13.17
CA THR A 4 29.62 25.89 -12.85
C THR A 4 29.68 26.54 -11.47
N ILE A 5 30.51 25.95 -10.62
CA ILE A 5 30.57 26.33 -9.22
C ILE A 5 32.03 26.48 -8.81
N THR A 6 32.33 27.49 -8.00
CA THR A 6 33.68 27.62 -7.47
C THR A 6 33.60 28.02 -6.01
N TYR A 7 34.65 27.68 -5.27
CA TYR A 7 34.85 28.17 -3.91
C TYR A 7 35.81 29.35 -3.89
N TYR A 8 35.46 30.36 -3.09
CA TYR A 8 36.33 31.51 -2.91
C TYR A 8 36.83 31.50 -1.47
N ASN A 9 38.12 31.17 -1.29
CA ASN A 9 38.77 31.21 0.01
C ASN A 9 39.97 32.14 -0.05
N SER A 10 41.01 31.78 -0.82
CA SER A 10 42.12 32.70 -1.05
C SER A 10 41.65 33.94 -1.82
N GLY A 11 42.22 35.09 -1.47
CA GLY A 11 41.85 36.32 -2.14
C GLY A 11 42.80 36.80 -3.22
N ALA A 12 43.63 35.90 -3.77
CA ALA A 12 44.67 36.31 -4.71
C ALA A 12 44.10 36.94 -5.98
N VAL A 13 42.88 36.56 -6.37
CA VAL A 13 42.17 37.17 -7.48
C VAL A 13 40.97 37.91 -6.91
N PRO A 14 40.76 39.18 -7.26
CA PRO A 14 39.62 39.93 -6.70
C PRO A 14 38.30 39.22 -6.95
N LEU A 15 37.43 39.22 -5.93
CA LEU A 15 36.21 38.44 -6.04
C LEU A 15 35.33 38.94 -7.17
N ILE A 16 35.30 40.24 -7.41
CA ILE A 16 34.43 40.77 -8.45
C ILE A 16 34.77 40.21 -9.82
N ASN A 17 35.99 39.71 -10.04
CA ASN A 17 36.32 39.10 -11.33
C ASN A 17 35.37 37.97 -11.68
N ALA A 18 34.80 37.29 -10.67
CA ALA A 18 33.91 36.17 -10.95
C ALA A 18 32.64 36.63 -11.65
N SER A 19 32.21 37.88 -11.45
CA SER A 19 31.00 38.39 -12.07
C SER A 19 31.09 38.43 -13.59
N GLU A 20 32.30 38.42 -14.16
CA GLU A 20 32.47 38.46 -15.61
C GLU A 20 32.87 37.11 -16.18
N LEU A 21 32.79 36.05 -15.40
CA LEU A 21 33.19 34.72 -15.82
C LEU A 21 31.98 33.80 -15.83
N PRO A 22 32.06 32.68 -16.52
CA PRO A 22 30.88 31.82 -16.67
C PRO A 22 30.65 30.89 -15.48
N TYR A 23 30.53 31.49 -14.29
CA TYR A 23 30.13 30.78 -13.09
C TYR A 23 28.65 30.97 -12.84
N ASP A 24 28.00 29.93 -12.34
CA ASP A 24 26.63 30.06 -11.87
C ASP A 24 26.55 30.28 -10.38
N VAL A 25 27.47 29.71 -9.61
CA VAL A 25 27.41 29.74 -8.15
C VAL A 25 28.81 29.99 -7.61
N VAL A 26 28.92 30.88 -6.64
CA VAL A 26 30.16 31.11 -5.92
C VAL A 26 29.90 30.80 -4.45
N ASN A 27 30.71 29.88 -3.90
CA ASN A 27 30.64 29.53 -2.48
C ASN A 27 31.71 30.32 -1.74
N LEU A 28 31.30 31.21 -0.84
CA LEU A 28 32.27 31.93 -0.03
C LEU A 28 32.72 31.02 1.12
N ALA A 29 34.02 30.80 1.23
CA ALA A 29 34.59 29.91 2.24
C ALA A 29 35.49 30.65 3.23
N PHE A 30 35.27 30.57 4.54
CA PHE A 30 34.27 29.74 5.21
C PHE A 30 33.62 30.49 6.37
N LEU A 31 32.50 29.95 6.81
CA LEU A 31 31.92 30.24 8.11
C LEU A 31 32.02 28.96 8.92
N SER A 32 32.50 29.04 10.16
CA SER A 32 32.68 27.82 10.93
C SER A 32 32.61 28.11 12.43
N SER A 33 32.66 27.04 13.22
CA SER A 33 32.59 27.19 14.67
C SER A 33 33.86 27.85 15.21
N SER A 34 33.70 28.71 16.21
CA SER A 34 34.87 29.16 16.96
C SER A 34 35.36 28.03 17.85
N SER A 35 36.62 28.08 18.20
CA SER A 35 37.24 27.09 19.08
C SER A 35 36.62 27.17 20.46
N ASN A 36 36.23 28.39 20.80
CA ASN A 36 35.62 28.79 22.04
C ASN A 36 34.28 28.12 22.36
N ASN A 37 33.28 28.50 21.61
CA ASN A 37 31.89 28.08 21.70
C ASN A 37 31.42 27.69 20.31
N PRO A 38 31.13 26.44 20.09
CA PRO A 38 30.81 25.95 18.75
C PRO A 38 29.61 26.63 18.12
N PHE A 39 28.71 27.18 18.93
CA PHE A 39 27.53 27.84 18.37
C PHE A 39 27.79 29.27 17.94
N ASN A 40 28.95 29.83 18.30
CA ASN A 40 29.38 31.12 17.77
C ASN A 40 30.12 30.86 16.46
N LEU A 41 29.57 31.34 15.35
CA LEU A 41 30.12 31.07 14.03
C LEU A 41 31.01 32.24 13.60
N VAL A 42 32.21 31.92 13.10
CA VAL A 42 33.18 32.95 12.71
C VAL A 42 33.59 32.75 11.27
N LEU A 43 33.88 33.87 10.59
CA LEU A 43 34.35 33.88 9.22
C LEU A 43 35.85 33.73 9.15
N SER A 44 36.31 33.08 8.08
CA SER A 44 37.71 32.96 7.75
C SER A 44 37.87 33.10 6.25
N GLY A 45 39.08 33.44 5.82
CA GLY A 45 39.35 33.63 4.40
C GLY A 45 39.32 35.10 4.00
N ALA A 46 39.56 35.32 2.70
CA ALA A 46 39.65 36.69 2.21
C ALA A 46 38.36 37.47 2.36
N ILE A 47 37.22 36.79 2.52
CA ILE A 47 35.97 37.50 2.67
C ILE A 47 35.89 38.28 3.96
N ALA A 48 36.68 37.92 4.97
CA ALA A 48 36.46 38.42 6.33
C ALA A 48 37.24 39.72 6.60
N ALA A 49 36.52 40.78 6.92
CA ALA A 49 37.14 41.96 7.53
C ALA A 49 37.41 41.72 9.00
N THR A 50 36.48 41.05 9.68
CA THR A 50 36.64 40.51 11.02
C THR A 50 35.98 39.14 11.06
N GLU A 51 35.98 38.53 12.24
CA GLU A 51 35.31 37.25 12.39
C GLU A 51 33.81 37.33 12.13
N SER A 52 33.22 38.51 12.18
CA SER A 52 31.77 38.62 12.04
C SER A 52 31.33 39.44 10.84
N SER A 53 32.24 39.87 9.97
CA SER A 53 31.83 40.79 8.92
C SER A 53 32.63 40.58 7.64
N PHE A 54 31.95 40.76 6.51
CA PHE A 54 32.58 40.78 5.19
C PHE A 54 33.32 42.08 4.96
N THR A 55 34.39 42.01 4.17
CA THR A 55 35.04 43.25 3.75
C THR A 55 34.11 44.06 2.84
N THR A 56 34.42 45.35 2.72
CA THR A 56 33.65 46.22 1.83
C THR A 56 33.65 45.70 0.40
N ASN A 57 34.83 45.30 -0.10
CA ASN A 57 34.91 44.81 -1.47
C ASN A 57 34.08 43.54 -1.65
N THR A 58 34.07 42.67 -0.65
CA THR A 58 33.27 41.44 -0.75
C THR A 58 31.79 41.78 -0.89
N ILE A 59 31.29 42.65 -0.01
CA ILE A 59 29.88 43.04 -0.03
C ILE A 59 29.48 43.55 -1.41
N GLU A 60 30.32 44.40 -2.01
CA GLU A 60 29.99 44.94 -3.32
C GLU A 60 30.07 43.84 -4.38
N ALA A 61 31.10 42.99 -4.31
CA ALA A 61 31.24 41.93 -5.29
C ALA A 61 30.03 41.02 -5.31
N ILE A 62 29.48 40.72 -4.13
CA ILE A 62 28.29 39.87 -4.05
C ILE A 62 27.12 40.52 -4.77
N LYS A 63 26.92 41.83 -4.57
CA LYS A 63 25.84 42.52 -5.26
C LYS A 63 26.02 42.48 -6.76
N VAL A 64 27.25 42.70 -7.23
CA VAL A 64 27.52 42.69 -8.66
C VAL A 64 27.30 41.30 -9.25
N MET A 65 27.78 40.27 -8.55
CA MET A 65 27.54 38.90 -9.00
C MET A 65 26.05 38.60 -9.09
N GLN A 66 25.31 38.97 -8.05
CA GLN A 66 23.87 38.75 -8.03
C GLN A 66 23.16 39.53 -9.13
N HIS A 67 23.64 40.72 -9.46
CA HIS A 67 23.07 41.52 -10.58
C HIS A 67 23.24 40.75 -11.87
N LYS A 68 24.26 39.93 -11.93
CA LYS A 68 24.53 39.14 -13.08
C LYS A 68 23.72 37.85 -13.09
N GLY A 69 22.98 37.58 -12.05
CA GLY A 69 22.21 36.38 -11.99
C GLY A 69 23.00 35.19 -11.45
N GLN A 70 24.13 35.47 -10.84
CA GLN A 70 24.92 34.43 -10.23
C GLN A 70 24.40 34.28 -8.79
N LYS A 71 24.59 33.11 -8.21
CA LYS A 71 24.18 32.87 -6.84
C LYS A 71 25.41 32.79 -5.95
N VAL A 72 25.29 33.34 -4.75
CA VAL A 72 26.40 33.45 -3.82
C VAL A 72 25.95 32.80 -2.53
N LEU A 73 26.67 31.76 -2.11
CA LEU A 73 26.37 31.03 -0.89
C LEU A 73 27.49 31.25 0.12
N ILE A 74 27.17 31.09 1.39
CA ILE A 74 28.19 30.97 2.41
C ILE A 74 28.43 29.48 2.63
N SER A 75 29.71 29.08 2.60
CA SER A 75 30.05 27.69 2.86
C SER A 75 30.35 27.54 4.35
N PHE A 76 29.60 26.66 4.99
CA PHE A 76 29.75 26.38 6.41
C PHE A 76 30.54 25.10 6.60
N GLY A 77 31.60 25.17 7.40
CA GLY A 77 32.39 23.99 7.66
C GLY A 77 33.80 24.11 7.14
N GLY A 78 34.18 23.25 6.20
CA GLY A 78 35.54 23.21 5.73
C GLY A 78 36.36 22.18 6.46
N GLY A 79 37.52 21.89 5.91
CA GLY A 79 38.36 20.86 6.43
C GLY A 79 38.99 21.02 7.80
N THR A 80 39.06 22.23 8.27
CA THR A 80 39.72 22.48 9.55
C THR A 80 38.75 22.52 10.73
N MET A 81 37.46 22.30 10.53
CA MET A 81 36.51 22.33 11.63
C MET A 81 36.55 21.02 12.40
N GLY A 82 36.61 21.12 13.73
CA GLY A 82 36.84 19.94 14.54
C GLY A 82 35.57 19.13 14.76
N SER A 83 35.77 17.81 14.86
CA SER A 83 34.67 16.90 15.17
C SER A 83 34.01 17.26 16.49
N ASN A 84 34.80 17.77 17.44
CA ASN A 84 34.25 18.14 18.73
C ASN A 84 33.26 19.29 18.61
N ALA A 85 33.49 20.22 17.68
CA ALA A 85 32.52 21.30 17.48
C ALA A 85 31.21 20.76 16.90
N TYR A 86 31.31 19.87 15.91
CA TYR A 86 30.12 19.25 15.34
C TYR A 86 29.36 18.44 16.39
N ARG A 87 30.09 17.73 17.26
CA ARG A 87 29.42 16.95 18.29
C ARG A 87 28.50 17.82 19.13
N SER A 88 29.00 18.99 19.55
CA SER A 88 28.17 19.91 20.31
C SER A 88 27.00 20.43 19.48
N LEU A 89 27.28 20.81 18.23
CA LEU A 89 26.23 21.35 17.37
C LEU A 89 25.13 20.33 17.14
N SER A 90 25.49 19.04 17.12
CA SER A 90 24.52 18.00 16.83
C SER A 90 23.44 17.91 17.90
N GLU A 91 23.70 18.46 19.09
CA GLU A 91 22.73 18.45 20.18
C GLU A 91 21.73 19.59 20.07
N ASP A 92 21.91 20.53 19.14
CA ASP A 92 20.92 21.59 18.92
C ASP A 92 21.01 22.11 17.49
N THR A 93 20.56 21.30 16.52
CA THR A 93 20.64 21.71 15.12
C THR A 93 19.71 22.88 14.82
N ALA A 94 18.62 23.04 15.58
CA ALA A 94 17.72 24.14 15.29
C ALA A 94 18.40 25.48 15.57
N LYS A 95 19.20 25.52 16.64
CA LYS A 95 19.93 26.74 16.96
C LYS A 95 20.98 27.05 15.91
N LEU A 96 21.71 26.01 15.47
CA LEU A 96 22.67 26.19 14.38
C LEU A 96 21.96 26.65 13.12
N ALA A 97 20.84 26.01 12.77
CA ALA A 97 20.10 26.41 11.57
C ALA A 97 19.69 27.86 11.63
N ASP A 98 19.23 28.32 12.80
CA ASP A 98 18.79 29.70 12.92
C ASP A 98 19.95 30.66 12.74
N SER A 99 21.11 30.34 13.32
CA SER A 99 22.29 31.17 13.13
C SER A 99 22.69 31.23 11.65
N LEU A 100 22.69 30.09 10.97
CA LEU A 100 23.06 30.08 9.56
C LEU A 100 22.05 30.85 8.70
N ALA A 101 20.76 30.57 8.91
CA ALA A 101 19.72 31.27 8.16
C ALA A 101 19.80 32.77 8.37
N SER A 102 20.02 33.19 9.62
CA SER A 102 20.19 34.62 9.89
C SER A 102 21.38 35.19 9.15
N PHE A 103 22.51 34.47 9.16
CA PHE A 103 23.68 34.97 8.44
C PHE A 103 23.37 35.14 6.96
N VAL A 104 22.68 34.18 6.36
CA VAL A 104 22.32 34.27 4.95
C VAL A 104 21.43 35.49 4.71
N LYS A 105 20.40 35.68 5.55
CA LYS A 105 19.45 36.75 5.29
C LYS A 105 20.05 38.12 5.60
N ASN A 106 20.77 38.23 6.71
CA ASN A 106 21.37 39.51 7.09
C ASN A 106 22.45 39.96 6.12
N ASN A 107 23.08 39.03 5.40
CA ASN A 107 24.07 39.37 4.39
C ASN A 107 23.55 39.20 2.97
N GLN A 108 22.24 39.02 2.80
CA GLN A 108 21.59 38.98 1.49
C GLN A 108 22.24 37.95 0.57
N LEU A 109 22.53 36.76 1.10
CA LEU A 109 23.11 35.70 0.31
C LEU A 109 22.02 34.80 -0.27
N ASP A 110 22.43 33.90 -1.16
CA ASP A 110 21.45 33.04 -1.82
C ASP A 110 21.30 31.68 -1.15
N GLY A 111 21.99 31.44 -0.03
CA GLY A 111 21.87 30.15 0.63
C GLY A 111 23.19 29.70 1.22
N VAL A 112 23.27 28.39 1.48
CA VAL A 112 24.35 27.80 2.26
C VAL A 112 24.89 26.59 1.53
N ASP A 113 26.20 26.43 1.55
CA ASP A 113 26.88 25.21 1.18
C ASP A 113 27.39 24.56 2.46
N ILE A 114 27.04 23.29 2.68
CA ILE A 114 27.41 22.59 3.89
C ILE A 114 28.63 21.75 3.52
N ASP A 115 29.81 22.28 3.82
CA ASP A 115 31.06 21.60 3.47
C ASP A 115 31.50 20.78 4.69
N TYR A 116 30.87 19.63 4.84
CA TYR A 116 31.03 18.77 6.01
C TYR A 116 32.03 17.66 5.71
N GLU A 117 33.10 17.57 6.51
CA GLU A 117 34.19 16.64 6.24
C GLU A 117 34.52 15.75 7.46
N ASP A 118 33.61 15.64 8.42
CA ASP A 118 33.89 14.89 9.65
C ASP A 118 33.58 13.41 9.43
N THR A 119 34.52 12.75 8.73
CA THR A 119 34.32 11.36 8.31
C THR A 119 34.10 10.44 9.51
N ALA A 120 34.79 10.70 10.62
CA ALA A 120 34.68 9.81 11.77
C ALA A 120 33.27 9.74 12.33
N ALA A 121 32.43 10.75 12.05
CA ALA A 121 31.04 10.68 12.52
C ALA A 121 30.19 9.74 11.68
N PHE A 122 30.71 9.20 10.58
CA PHE A 122 30.02 8.15 9.85
C PHE A 122 30.52 6.74 10.22
N THR A 123 31.55 6.64 11.06
CA THR A 123 32.15 5.37 11.45
C THR A 123 31.95 5.01 12.92
N GLY A 124 31.10 5.74 13.63
CA GLY A 124 30.91 5.45 15.04
C GLY A 124 32.02 5.91 15.94
N GLN A 125 32.97 6.71 15.45
CA GLN A 125 34.15 7.10 16.22
C GLN A 125 34.11 8.52 16.74
N ALA A 126 33.04 9.27 16.49
CA ALA A 126 32.99 10.69 16.85
C ALA A 126 32.07 11.01 18.01
N GLY A 127 31.34 10.03 18.54
CA GLY A 127 30.44 10.33 19.63
C GLY A 127 29.18 11.07 19.23
N TYR A 128 28.83 11.05 17.94
CA TYR A 128 27.55 11.56 17.51
C TYR A 128 27.27 11.00 16.11
N ASP A 129 26.00 10.90 15.77
CA ASP A 129 25.57 10.35 14.49
C ASP A 129 25.66 11.45 13.43
N GLY A 130 26.64 11.35 12.54
CA GLY A 130 26.83 12.41 11.56
C GLY A 130 25.73 12.47 10.52
N ALA A 131 25.22 11.31 10.10
CA ALA A 131 24.13 11.30 9.14
C ALA A 131 22.89 11.97 9.72
N GLN A 132 22.53 11.62 10.95
CA GLN A 132 21.35 12.25 11.55
C GLN A 132 21.58 13.74 11.77
N PHE A 133 22.82 14.14 12.06
CA PHE A 133 23.13 15.57 12.16
C PHE A 133 22.86 16.27 10.84
N LEU A 134 23.39 15.72 9.74
CA LEU A 134 23.19 16.35 8.45
C LEU A 134 21.73 16.31 8.03
N ILE A 135 21.04 15.21 8.35
CA ILE A 135 19.61 15.14 8.04
C ILE A 135 18.84 16.23 8.80
N SER A 136 19.05 16.32 10.11
CA SER A 136 18.34 17.31 10.91
C SER A 136 18.74 18.73 10.52
N LEU A 137 20.04 18.98 10.34
CA LEU A 137 20.47 20.31 9.93
C LEU A 137 19.84 20.71 8.60
N THR A 138 19.81 19.79 7.63
CA THR A 138 19.20 20.12 6.34
C THR A 138 17.72 20.47 6.51
N GLN A 139 16.99 19.69 7.30
CA GLN A 139 15.56 19.94 7.47
C GLN A 139 15.33 21.30 8.12
N GLU A 140 16.07 21.60 9.18
CA GLU A 140 15.86 22.86 9.89
C GLU A 140 16.28 24.04 9.05
N LEU A 141 17.35 23.89 8.25
CA LEU A 141 17.78 24.97 7.38
C LEU A 141 16.76 25.21 6.28
N ARG A 142 16.25 24.14 5.68
CA ARG A 142 15.31 24.25 4.57
C ARG A 142 14.00 24.88 5.03
N LYS A 143 13.61 24.60 6.27
CA LYS A 143 12.46 25.25 6.89
C LYS A 143 12.63 26.77 6.86
N ARG A 144 13.83 27.26 7.17
CA ARG A 144 14.10 28.69 7.27
C ARG A 144 14.51 29.33 5.95
N LEU A 145 15.00 28.53 5.00
CA LEU A 145 15.48 29.00 3.70
C LEU A 145 14.78 28.20 2.61
N PRO A 146 13.52 28.54 2.31
CA PRO A 146 12.71 27.67 1.46
C PRO A 146 13.16 27.67 0.01
N SER A 147 12.87 26.56 -0.67
CA SER A 147 12.98 26.49 -2.12
C SER A 147 11.81 27.24 -2.73
N PRO A 148 11.98 27.86 -3.89
CA PRO A 148 13.24 27.85 -4.64
C PRO A 148 14.04 29.10 -4.48
N ASP A 149 13.67 29.95 -3.54
CA ASP A 149 14.37 31.17 -3.30
C ASP A 149 15.80 31.06 -2.78
N TYR A 150 16.09 29.95 -2.10
CA TYR A 150 17.38 29.73 -1.47
C TYR A 150 17.95 28.38 -1.87
N ILE A 151 19.27 28.29 -1.81
CA ILE A 151 20.02 27.10 -2.18
C ILE A 151 20.59 26.49 -0.91
N ILE A 152 20.52 25.16 -0.81
CA ILE A 152 21.25 24.40 0.19
C ILE A 152 22.01 23.32 -0.58
N SER A 153 23.33 23.43 -0.59
CA SER A 153 24.17 22.38 -1.15
C SER A 153 24.98 21.75 -0.03
N HIS A 154 25.52 20.56 -0.31
CA HIS A 154 26.52 19.89 0.51
C HIS A 154 27.72 19.59 -0.37
N ALA A 155 28.87 19.28 0.25
CA ALA A 155 30.11 19.04 -0.48
C ALA A 155 30.76 17.73 -0.04
N PRO A 156 30.10 16.60 -0.29
CA PRO A 156 30.63 15.33 0.19
C PRO A 156 31.83 14.84 -0.61
N GLN A 157 32.60 14.00 0.04
CA GLN A 157 33.66 13.26 -0.60
C GLN A 157 33.14 11.91 -1.07
N PRO A 158 33.79 11.30 -2.07
CA PRO A 158 33.22 10.11 -2.71
C PRO A 158 32.90 8.99 -1.73
N PRO A 159 33.75 8.69 -0.74
CA PRO A 159 33.40 7.58 0.17
C PRO A 159 32.07 7.76 0.86
N TYR A 160 31.64 9.01 1.05
CA TYR A 160 30.37 9.29 1.70
C TYR A 160 29.18 8.77 0.92
N LEU A 161 29.35 8.54 -0.39
CA LEU A 161 28.26 8.22 -1.31
C LEU A 161 28.34 6.80 -1.85
N GLU A 162 29.25 5.98 -1.34
CA GLU A 162 29.46 4.63 -1.83
C GLU A 162 28.47 3.71 -1.13
N GLN A 163 27.44 3.27 -1.86
CA GLN A 163 26.47 2.30 -1.36
C GLN A 163 27.17 1.15 -0.66
N GLY A 164 26.81 0.89 0.58
CA GLY A 164 27.41 -0.19 1.31
C GLY A 164 28.73 0.09 1.98
N GLY A 165 29.29 1.26 1.75
CA GLY A 165 30.56 1.61 2.33
C GLY A 165 30.57 1.89 3.81
N TYR A 166 31.73 1.76 4.41
CA TYR A 166 31.99 1.97 5.83
C TYR A 166 31.87 3.44 6.26
N MET A 167 31.97 4.35 5.31
CA MET A 167 31.91 5.75 5.64
C MET A 167 30.79 6.42 4.83
N ALA A 168 29.82 5.65 4.36
CA ALA A 168 28.84 6.17 3.41
C ALA A 168 27.69 6.93 4.08
N GLY A 169 28.04 7.87 4.95
CA GLY A 169 27.02 8.63 5.65
C GLY A 169 26.05 9.36 4.75
N TYR A 170 26.51 9.83 3.58
CA TYR A 170 25.62 10.61 2.72
C TYR A 170 24.62 9.76 1.95
N VAL A 171 24.84 8.45 1.85
CA VAL A 171 23.77 7.57 1.35
C VAL A 171 22.53 7.72 2.23
N GLU A 172 22.71 7.60 3.54
CA GLU A 172 21.61 7.84 4.46
C GLU A 172 21.07 9.24 4.31
N VAL A 173 21.96 10.24 4.19
CA VAL A 173 21.49 11.61 4.05
C VAL A 173 20.58 11.77 2.85
N VAL A 174 21.03 11.36 1.66
CA VAL A 174 20.20 11.62 0.48
C VAL A 174 18.93 10.79 0.52
N GLU A 175 18.99 9.60 1.12
CA GLU A 175 17.78 8.78 1.23
C GLU A 175 16.70 9.45 2.07
N LEU A 176 17.09 10.19 3.10
CA LEU A 176 16.10 10.81 3.99
C LEU A 176 15.72 12.24 3.60
N VAL A 177 16.66 13.05 3.09
CA VAL A 177 16.38 14.46 2.85
C VAL A 177 16.92 14.93 1.50
N GLY A 178 17.30 14.00 0.63
CA GLY A 178 17.81 14.40 -0.68
C GLY A 178 16.88 15.33 -1.44
N GLN A 179 15.57 15.18 -1.25
CA GLN A 179 14.61 16.04 -1.93
C GLN A 179 14.72 17.49 -1.48
N GLU A 180 15.36 17.76 -0.35
CA GLU A 180 15.50 19.11 0.17
C GLU A 180 16.86 19.73 -0.15
N ILE A 181 17.75 18.99 -0.79
CA ILE A 181 19.10 19.46 -1.12
C ILE A 181 19.11 19.83 -2.60
N ASP A 182 19.68 20.98 -2.93
CA ASP A 182 19.70 21.37 -4.34
C ASP A 182 20.74 20.59 -5.14
N TRP A 183 21.94 20.41 -4.59
CA TRP A 183 22.94 19.58 -5.28
C TRP A 183 24.07 19.25 -4.31
N LEU A 184 24.90 18.30 -4.73
CA LEU A 184 26.08 17.87 -4.01
C LEU A 184 27.31 18.30 -4.79
N ASN A 185 28.24 18.99 -4.13
CA ASN A 185 29.54 19.31 -4.72
C ASN A 185 30.50 18.18 -4.36
N VAL A 186 30.56 17.15 -5.19
CA VAL A 186 31.38 15.98 -4.87
C VAL A 186 32.86 16.33 -5.08
N GLN A 187 33.67 16.11 -4.04
CA GLN A 187 35.09 16.45 -4.10
C GLN A 187 35.87 15.26 -4.65
N PHE A 188 36.06 15.23 -5.96
CA PHE A 188 36.84 14.14 -6.55
C PHE A 188 38.33 14.45 -6.44
N TYR A 189 38.78 14.72 -5.22
CA TYR A 189 40.19 14.97 -4.95
C TYR A 189 40.44 14.68 -3.48
N ASN A 190 41.73 14.57 -3.12
CA ASN A 190 42.13 14.17 -1.77
C ASN A 190 41.52 12.84 -1.35
N ASN A 191 41.18 12.01 -2.33
CA ASN A 191 40.46 10.76 -2.06
C ASN A 191 40.86 9.72 -3.07
N PRO A 192 41.90 8.94 -2.78
CA PRO A 192 42.15 7.73 -3.58
C PRO A 192 41.05 6.72 -3.30
N PRO A 193 40.69 5.88 -4.28
CA PRO A 193 41.28 5.76 -5.62
C PRO A 193 40.60 6.62 -6.69
N TRP A 194 39.77 7.57 -6.27
CA TRP A 194 39.16 8.47 -7.24
C TRP A 194 40.13 9.51 -7.76
N SER A 195 41.05 10.00 -6.92
CA SER A 195 41.92 11.10 -7.29
C SER A 195 42.68 10.80 -8.59
N ALA A 196 42.50 11.68 -9.58
CA ALA A 196 43.22 11.63 -10.85
C ALA A 196 42.99 10.31 -11.58
N ASN A 197 41.83 9.68 -11.33
CA ASN A 197 41.48 8.38 -11.89
C ASN A 197 40.16 8.54 -12.63
N PRO A 198 40.19 9.05 -13.86
CA PRO A 198 38.94 9.41 -14.54
C PRO A 198 37.93 8.27 -14.65
N ASP A 199 38.39 7.07 -14.97
CA ASP A 199 37.46 5.94 -15.08
C ASP A 199 36.70 5.74 -13.78
N GLN A 200 37.41 5.79 -12.66
CA GLN A 200 36.73 5.63 -11.37
C GLN A 200 35.81 6.81 -11.07
N ILE A 201 36.21 8.02 -11.47
CA ILE A 201 35.37 9.18 -11.21
C ILE A 201 34.06 9.07 -11.99
N VAL A 202 34.15 8.63 -13.25
CA VAL A 202 32.96 8.53 -14.11
C VAL A 202 32.00 7.48 -13.57
N SER A 203 32.49 6.27 -13.29
CA SER A 203 31.58 5.23 -12.82
C SER A 203 30.93 5.62 -11.51
N SER A 204 31.72 6.19 -10.59
CA SER A 204 31.16 6.63 -9.31
C SER A 204 30.15 7.75 -9.52
N TYR A 205 30.47 8.76 -10.35
CA TYR A 205 29.52 9.81 -10.64
C TYR A 205 28.18 9.24 -11.09
N LEU A 206 28.20 8.30 -12.04
CA LEU A 206 26.95 7.73 -12.53
C LEU A 206 26.19 7.02 -11.41
N ASN A 207 26.90 6.26 -10.58
CA ASN A 207 26.26 5.61 -9.44
C ASN A 207 25.60 6.62 -8.53
N TYR A 208 26.28 7.75 -8.27
CA TYR A 208 25.74 8.73 -7.35
C TYR A 208 24.47 9.37 -7.90
N THR A 209 24.38 9.54 -9.23
CA THR A 209 23.18 10.12 -9.79
C THR A 209 21.97 9.20 -9.64
N LYS A 210 22.21 7.93 -9.37
CA LYS A 210 21.14 6.93 -9.25
C LYS A 210 20.78 6.61 -7.82
N LEU A 211 21.39 7.28 -6.85
CA LEU A 211 20.97 7.13 -5.46
C LEU A 211 19.55 7.66 -5.29
N PRO A 212 18.82 7.16 -4.29
CA PRO A 212 17.46 7.68 -4.04
C PRO A 212 17.47 9.20 -3.88
N ASN A 213 16.54 9.86 -4.57
CA ASN A 213 16.33 11.31 -4.60
C ASN A 213 17.41 12.05 -5.38
N MET A 214 18.44 11.36 -5.87
CA MET A 214 19.47 12.03 -6.62
C MET A 214 19.20 11.94 -8.12
N SER A 215 19.99 12.68 -8.89
CA SER A 215 19.90 12.72 -10.34
C SER A 215 21.15 13.39 -10.87
N PRO A 216 21.40 13.38 -12.18
CA PRO A 216 22.51 14.18 -12.71
C PRO A 216 22.46 15.63 -12.27
N GLU A 217 21.28 16.24 -12.31
CA GLU A 217 21.16 17.66 -11.97
C GLU A 217 21.67 17.93 -10.57
N LYS A 218 21.52 16.98 -9.66
CA LYS A 218 21.86 17.18 -8.26
C LYS A 218 23.27 16.72 -7.89
N VAL A 219 24.08 16.31 -8.85
CA VAL A 219 25.44 15.85 -8.56
C VAL A 219 26.40 16.65 -9.41
N ILE A 220 27.29 17.40 -8.76
CA ILE A 220 28.30 18.23 -9.41
C ILE A 220 29.66 17.60 -9.18
N ALA A 221 30.46 17.48 -10.23
CA ALA A 221 31.78 16.87 -10.11
C ALA A 221 32.82 17.94 -9.84
N GLY A 222 33.53 17.82 -8.72
CA GLY A 222 34.45 18.86 -8.25
C GLY A 222 35.91 18.46 -8.41
N PHE A 223 36.74 19.44 -8.79
CA PHE A 223 38.15 19.19 -9.14
C PHE A 223 39.02 20.34 -8.65
N PRO A 224 40.31 20.08 -8.42
CA PRO A 224 41.25 21.18 -8.15
C PRO A 224 41.63 21.88 -9.44
N VAL A 225 41.79 23.20 -9.38
CA VAL A 225 42.19 23.94 -10.57
C VAL A 225 43.64 23.63 -10.91
N THR A 226 44.52 23.74 -9.93
CA THR A 226 45.95 23.52 -10.12
C THR A 226 46.46 22.43 -9.19
N GLN A 227 47.70 22.03 -9.44
CA GLN A 227 48.31 21.05 -8.60
C GLN A 227 48.36 21.49 -7.10
N ASN A 228 48.55 22.76 -6.84
CA ASN A 228 48.68 23.19 -5.44
C ASN A 228 47.33 23.28 -4.74
N ASP A 229 46.24 22.97 -5.44
CA ASP A 229 44.91 23.07 -4.85
C ASP A 229 44.47 21.81 -4.11
N ALA A 230 45.21 20.72 -4.22
CA ALA A 230 44.81 19.51 -3.50
C ALA A 230 46.03 18.63 -3.29
N GLY A 231 46.02 17.87 -2.19
CA GLY A 231 47.04 16.88 -1.97
C GLY A 231 47.07 15.82 -3.06
N SER A 232 45.91 15.44 -3.58
CA SER A 232 45.84 14.45 -4.65
C SER A 232 44.64 14.76 -5.54
N GLY A 233 44.74 14.38 -6.81
CA GLY A 233 43.61 14.48 -7.71
C GLY A 233 43.70 15.53 -8.79
N TYR A 234 44.78 16.31 -8.85
CA TYR A 234 44.91 17.25 -9.96
C TYR A 234 44.93 16.50 -11.28
N MET A 235 44.17 17.02 -12.25
CA MET A 235 44.22 16.55 -13.61
C MET A 235 44.23 17.77 -14.52
N PRO A 236 45.00 17.74 -15.60
CA PRO A 236 44.95 18.84 -16.57
C PRO A 236 43.53 18.96 -17.13
N VAL A 237 43.20 20.16 -17.59
CA VAL A 237 41.82 20.40 -17.99
C VAL A 237 41.45 19.55 -19.20
N GLN A 238 42.41 19.22 -20.08
CA GLN A 238 42.06 18.38 -21.23
C GLN A 238 41.69 16.98 -20.79
N THR A 239 42.24 16.52 -19.68
CA THR A 239 41.87 15.21 -19.15
C THR A 239 40.49 15.25 -18.52
N ILE A 240 40.18 16.31 -17.76
CA ILE A 240 38.83 16.45 -17.22
C ILE A 240 37.81 16.44 -18.34
N ILE A 241 38.07 17.22 -19.40
CA ILE A 241 37.12 17.35 -20.49
C ILE A 241 36.91 16.00 -21.18
N ASN A 242 38.00 15.37 -21.60
CA ASN A 242 37.88 14.25 -22.50
C ASN A 242 37.79 12.89 -21.81
N GLU A 243 38.12 12.80 -20.51
CA GLU A 243 38.03 11.52 -19.81
C GLU A 243 37.02 11.53 -18.68
N VAL A 244 36.44 12.69 -18.33
CA VAL A 244 35.38 12.76 -17.34
C VAL A 244 34.11 13.33 -17.96
N ILE A 245 34.19 14.59 -18.42
CA ILE A 245 33.00 15.31 -18.87
C ILE A 245 32.39 14.63 -20.08
N LYS A 246 33.17 14.41 -21.13
CA LYS A 246 32.59 13.80 -22.32
C LYS A 246 32.10 12.38 -22.05
N PRO A 247 32.83 11.50 -21.35
CA PRO A 247 32.26 10.18 -21.06
C PRO A 247 30.96 10.22 -20.27
N ILE A 248 30.78 11.17 -19.37
CA ILE A 248 29.54 11.26 -18.63
C ILE A 248 28.42 11.75 -19.56
N GLN A 249 28.72 12.76 -20.37
CA GLN A 249 27.76 13.28 -21.30
C GLN A 249 27.26 12.24 -22.32
N GLN A 250 28.13 11.26 -22.64
CA GLN A 250 27.80 10.20 -23.58
C GLN A 250 26.77 9.26 -22.99
N GLN A 251 26.88 9.00 -21.71
CA GLN A 251 25.96 8.11 -21.03
C GLN A 251 24.78 8.66 -20.29
N SER A 252 24.83 9.92 -19.91
CA SER A 252 23.84 10.53 -19.12
C SER A 252 23.96 12.03 -19.32
N SER A 253 23.44 12.79 -18.39
CA SER A 253 23.73 14.20 -18.38
C SER A 253 24.66 14.48 -17.21
N LEU A 254 25.19 15.70 -17.19
CA LEU A 254 26.18 16.12 -16.21
C LEU A 254 25.62 17.33 -15.47
N GLY A 255 25.41 17.17 -14.16
CA GLY A 255 24.89 18.28 -13.38
C GLY A 255 25.78 19.50 -13.39
N GLY A 256 27.09 19.29 -13.38
CA GLY A 256 27.99 20.43 -13.49
C GLY A 256 29.38 20.10 -13.00
N ILE A 257 30.20 21.16 -12.92
CA ILE A 257 31.59 21.09 -12.51
C ILE A 257 31.84 22.13 -11.43
N MET A 258 32.44 21.69 -10.33
CA MET A 258 32.87 22.55 -9.23
C MET A 258 34.39 22.61 -9.21
N ASN A 259 34.96 23.70 -8.71
CA ASN A 259 36.41 23.71 -8.54
C ASN A 259 36.79 24.27 -7.18
N TRP A 260 37.94 23.80 -6.72
CA TRP A 260 38.68 24.41 -5.62
C TRP A 260 39.99 24.87 -6.24
N GLN A 261 40.26 26.17 -6.31
CA GLN A 261 39.39 27.25 -5.88
C GLN A 261 39.58 28.43 -6.84
N PHE A 262 38.70 29.43 -6.70
CA PHE A 262 38.63 30.53 -7.67
C PHE A 262 39.99 31.20 -7.92
N SER A 263 40.69 31.55 -6.84
CA SER A 263 41.87 32.39 -7.03
C SER A 263 43.07 31.64 -7.58
N SER A 264 42.92 30.35 -7.87
CA SER A 264 43.98 29.59 -8.51
C SER A 264 43.88 29.62 -10.04
N ASP A 265 42.81 30.18 -10.60
CA ASP A 265 42.52 30.10 -12.03
C ASP A 265 42.91 31.42 -12.69
N HIS A 266 44.05 31.42 -13.33
CA HIS A 266 44.60 32.58 -14.03
C HIS A 266 43.77 33.09 -15.20
N ASN A 267 43.34 34.33 -15.10
CA ASN A 267 42.52 34.97 -16.13
C ASN A 267 41.23 34.23 -16.40
N GLY A 268 40.80 33.37 -15.50
CA GLY A 268 39.60 32.59 -15.72
C GLY A 268 39.70 31.59 -16.85
N ASP A 269 40.92 31.27 -17.30
CA ASP A 269 41.05 30.37 -18.44
C ASP A 269 40.47 28.99 -18.17
N TRP A 270 40.65 28.47 -16.94
CA TRP A 270 40.14 27.14 -16.61
C TRP A 270 38.62 27.10 -16.72
N ILE A 271 37.94 28.06 -16.09
CA ILE A 271 36.48 28.01 -16.11
C ILE A 271 35.96 28.29 -17.51
N LYS A 272 36.65 29.12 -18.30
CA LYS A 272 36.21 29.33 -19.67
C LYS A 272 36.26 28.05 -20.48
N ALA A 273 37.36 27.29 -20.37
CA ALA A 273 37.47 26.05 -21.14
C ALA A 273 36.48 25.00 -20.64
N ILE A 274 36.30 24.90 -19.34
CA ILE A 274 35.39 23.93 -18.80
C ILE A 274 33.96 24.28 -19.20
N ALA A 275 33.62 25.54 -19.06
CA ALA A 275 32.26 25.96 -19.38
C ALA A 275 31.91 25.63 -20.85
N GLN A 276 32.85 25.93 -21.70
CA GLN A 276 32.70 25.67 -23.12
C GLN A 276 32.35 24.20 -23.34
N SER A 277 32.99 23.33 -22.61
CA SER A 277 32.74 21.92 -22.76
C SER A 277 31.42 21.45 -22.22
N LEU A 278 30.79 22.23 -21.40
CA LEU A 278 29.50 21.90 -20.85
C LEU A 278 28.36 22.30 -21.76
N SER B 2 11.75 -0.99 27.88
CA SER B 2 10.54 -0.93 27.08
C SER B 2 10.87 -0.91 25.59
N LYS B 3 10.00 -1.51 24.78
CA LYS B 3 10.17 -1.56 23.33
C LYS B 3 9.06 -0.75 22.67
N THR B 4 9.36 -0.15 21.52
CA THR B 4 8.33 0.49 20.72
C THR B 4 8.21 -0.24 19.39
N ILE B 5 6.98 -0.52 19.00
CA ILE B 5 6.70 -1.40 17.87
C ILE B 5 5.61 -0.75 17.01
N THR B 6 5.74 -0.89 15.69
CA THR B 6 4.68 -0.41 14.81
C THR B 6 4.48 -1.40 13.68
N TYR B 7 3.27 -1.38 13.13
CA TYR B 7 2.90 -2.11 11.93
C TYR B 7 2.95 -1.16 10.73
N TYR B 8 3.54 -1.64 9.64
CA TYR B 8 3.59 -0.91 8.38
C TYR B 8 2.74 -1.67 7.36
N ASN B 9 1.56 -1.12 7.05
CA ASN B 9 0.69 -1.68 6.02
C ASN B 9 0.45 -0.64 4.94
N SER B 10 -0.23 0.46 5.25
CA SER B 10 -0.37 1.60 4.35
C SER B 10 0.98 2.24 4.07
N GLY B 11 1.15 2.75 2.85
CA GLY B 11 2.41 3.35 2.47
C GLY B 11 2.42 4.87 2.45
N ALA B 12 1.45 5.51 3.13
CA ALA B 12 1.30 6.96 3.03
C ALA B 12 2.55 7.71 3.51
N VAL B 13 3.29 7.14 4.45
CA VAL B 13 4.57 7.69 4.91
C VAL B 13 5.66 6.75 4.43
N PRO B 14 6.72 7.25 3.78
CA PRO B 14 7.77 6.34 3.30
C PRO B 14 8.36 5.51 4.44
N LEU B 15 8.63 4.24 4.14
CA LEU B 15 9.05 3.32 5.19
C LEU B 15 10.38 3.75 5.81
N ILE B 16 11.29 4.30 4.99
CA ILE B 16 12.59 4.66 5.51
C ILE B 16 12.51 5.73 6.59
N ASN B 17 11.39 6.48 6.66
CA ASN B 17 11.22 7.44 7.75
C ASN B 17 11.30 6.77 9.12
N ALA B 18 10.94 5.48 9.21
CA ALA B 18 10.99 4.80 10.49
C ALA B 18 12.40 4.68 11.03
N SER B 19 13.42 4.67 10.15
CA SER B 19 14.80 4.53 10.58
C SER B 19 15.26 5.71 11.43
N GLU B 20 14.60 6.86 11.35
CA GLU B 20 15.00 8.02 12.13
C GLU B 20 14.07 8.31 13.29
N LEU B 21 13.19 7.38 13.63
CA LEU B 21 12.26 7.52 14.73
C LEU B 21 12.56 6.50 15.81
N PRO B 22 12.06 6.70 17.03
CA PRO B 22 12.44 5.84 18.15
C PRO B 22 11.61 4.56 18.23
N TYR B 23 11.65 3.80 17.15
CA TYR B 23 11.07 2.45 17.09
C TYR B 23 12.15 1.42 17.29
N ASP B 24 11.80 0.34 17.99
CA ASP B 24 12.69 -0.80 18.08
C ASP B 24 12.38 -1.88 17.07
N VAL B 25 11.10 -2.04 16.72
CA VAL B 25 10.66 -3.12 15.87
C VAL B 25 9.63 -2.59 14.88
N VAL B 26 9.76 -2.96 13.61
CA VAL B 26 8.77 -2.64 12.59
C VAL B 26 8.25 -3.95 12.03
N ASN B 27 6.92 -4.14 12.11
CA ASN B 27 6.25 -5.32 11.55
C ASN B 27 5.72 -4.97 10.17
N LEU B 28 6.25 -5.61 9.13
CA LEU B 28 5.75 -5.42 7.77
C LEU B 28 4.50 -6.26 7.55
N ALA B 29 3.39 -5.60 7.23
CA ALA B 29 2.08 -6.24 7.10
C ALA B 29 1.56 -6.18 5.67
N PHE B 30 1.19 -7.30 5.03
CA PHE B 30 1.18 -8.65 5.59
C PHE B 30 1.70 -9.67 4.58
N LEU B 31 2.03 -10.85 5.09
CA LEU B 31 2.15 -12.07 4.32
C LEU B 31 1.01 -12.98 4.76
N SER B 32 0.25 -13.52 3.81
CA SER B 32 -0.90 -14.34 4.21
C SER B 32 -1.17 -15.39 3.13
N SER B 33 -2.11 -16.28 3.41
CA SER B 33 -2.47 -17.33 2.47
C SER B 33 -3.14 -16.76 1.23
N SER B 34 -2.91 -17.39 0.08
CA SER B 34 -3.59 -17.02 -1.14
C SER B 34 -4.95 -17.71 -1.03
N SER B 35 -5.99 -17.17 -1.66
CA SER B 35 -7.33 -17.75 -1.57
C SER B 35 -7.37 -19.08 -2.30
N ASN B 36 -6.45 -19.23 -3.21
CA ASN B 36 -6.31 -20.39 -3.99
C ASN B 36 -5.80 -21.61 -3.24
N ASN B 37 -4.56 -21.59 -2.83
CA ASN B 37 -3.86 -22.63 -2.11
C ASN B 37 -3.28 -22.05 -0.82
N PRO B 38 -3.80 -22.43 0.33
CA PRO B 38 -3.42 -21.80 1.60
C PRO B 38 -1.92 -21.86 1.88
N PHE B 39 -1.21 -22.82 1.29
CA PHE B 39 0.22 -22.94 1.56
C PHE B 39 1.06 -22.07 0.65
N ASN B 40 0.45 -21.38 -0.30
CA ASN B 40 1.15 -20.41 -1.12
C ASN B 40 0.93 -19.06 -0.43
N LEU B 41 1.99 -18.45 0.08
CA LEU B 41 1.88 -17.21 0.86
C LEU B 41 2.10 -16.01 -0.05
N VAL B 42 1.26 -14.98 0.08
CA VAL B 42 1.30 -13.82 -0.79
C VAL B 42 1.41 -12.54 0.05
N LEU B 43 2.14 -11.57 -0.50
CA LEU B 43 2.30 -10.28 0.14
C LEU B 43 1.16 -9.34 -0.21
N SER B 44 0.80 -8.49 0.75
CA SER B 44 -0.15 -7.42 0.54
C SER B 44 0.35 -6.17 1.26
N GLY B 45 -0.18 -5.03 0.86
CA GLY B 45 0.21 -3.76 1.46
C GLY B 45 1.30 -3.07 0.67
N ALA B 46 1.74 -1.93 1.21
CA ALA B 46 2.68 -1.08 0.48
C ALA B 46 4.02 -1.75 0.24
N ILE B 47 4.36 -2.77 1.02
CA ILE B 47 5.64 -3.46 0.83
C ILE B 47 5.71 -4.23 -0.48
N ALA B 48 4.57 -4.54 -1.09
CA ALA B 48 4.52 -5.53 -2.16
C ALA B 48 4.69 -4.86 -3.53
N ALA B 49 5.75 -5.23 -4.24
CA ALA B 49 5.83 -4.94 -5.67
C ALA B 49 4.99 -5.92 -6.46
N THR B 50 5.02 -7.19 -6.07
CA THR B 50 4.14 -8.24 -6.55
C THR B 50 3.74 -9.08 -5.34
N GLU B 51 2.93 -10.10 -5.57
CA GLU B 51 2.56 -11.01 -4.48
C GLU B 51 3.76 -11.72 -3.88
N SER B 52 4.89 -11.74 -4.55
CA SER B 52 6.03 -12.50 -4.06
C SER B 52 7.26 -11.66 -3.80
N SER B 53 7.19 -10.33 -3.93
CA SER B 53 8.42 -9.55 -3.82
C SER B 53 8.15 -8.19 -3.20
N PHE B 54 9.15 -7.72 -2.45
CA PHE B 54 9.17 -6.38 -1.89
C PHE B 54 9.54 -5.36 -2.97
N THR B 55 8.99 -4.15 -2.83
CA THR B 55 9.44 -3.06 -3.68
C THR B 55 10.90 -2.73 -3.39
N THR B 56 11.55 -2.09 -4.38
CA THR B 56 12.93 -1.67 -4.22
C THR B 56 13.11 -0.78 -3.00
N ASN B 57 12.19 0.17 -2.80
CA ASN B 57 12.31 1.09 -1.66
C ASN B 57 12.17 0.35 -0.33
N THR B 58 11.29 -0.65 -0.29
CA THR B 58 11.16 -1.46 0.91
C THR B 58 12.48 -2.17 1.23
N ILE B 59 13.06 -2.83 0.23
CA ILE B 59 14.29 -3.59 0.45
C ILE B 59 15.39 -2.69 1.01
N GLU B 60 15.51 -1.47 0.50
CA GLU B 60 16.54 -0.58 1.02
C GLU B 60 16.17 -0.07 2.41
N ALA B 61 14.90 0.28 2.61
CA ALA B 61 14.47 0.76 3.91
C ALA B 61 14.77 -0.25 5.01
N ILE B 62 14.53 -1.53 4.73
CA ILE B 62 14.83 -2.58 5.70
C ILE B 62 16.32 -2.58 6.06
N LYS B 63 17.18 -2.44 5.05
CA LYS B 63 18.62 -2.41 5.32
C LYS B 63 19.00 -1.21 6.18
N VAL B 64 18.43 -0.05 5.88
CA VAL B 64 18.75 1.15 6.64
C VAL B 64 18.25 1.02 8.08
N MET B 65 17.02 0.53 8.25
CA MET B 65 16.49 0.30 9.60
C MET B 65 17.41 -0.65 10.38
N GLN B 66 17.80 -1.76 9.76
CA GLN B 66 18.65 -2.72 10.45
C GLN B 66 20.01 -2.12 10.77
N HIS B 67 20.49 -1.20 9.94
CA HIS B 67 21.77 -0.50 10.20
C HIS B 67 21.63 0.31 11.45
N LYS B 68 20.43 0.79 11.73
CA LYS B 68 20.14 1.54 12.95
C LYS B 68 19.97 0.64 14.17
N GLY B 69 20.06 -0.67 14.01
CA GLY B 69 19.76 -1.56 15.12
C GLY B 69 18.29 -1.80 15.36
N GLN B 70 17.43 -1.40 14.43
CA GLN B 70 16.02 -1.76 14.53
C GLN B 70 15.81 -3.14 13.95
N LYS B 71 14.75 -3.80 14.39
CA LYS B 71 14.42 -5.13 13.89
C LYS B 71 13.19 -5.05 13.02
N VAL B 72 13.21 -5.81 11.92
CA VAL B 72 12.16 -5.79 10.93
C VAL B 72 11.62 -7.19 10.80
N LEU B 73 10.33 -7.36 11.06
CA LEU B 73 9.66 -8.64 10.98
C LEU B 73 8.64 -8.63 9.85
N ILE B 74 8.35 -9.81 9.33
CA ILE B 74 7.17 -9.96 8.47
C ILE B 74 6.01 -10.42 9.34
N SER B 75 4.88 -9.75 9.21
CA SER B 75 3.69 -10.14 9.96
C SER B 75 2.86 -11.07 9.10
N PHE B 76 2.63 -12.28 9.61
CA PHE B 76 1.87 -13.32 8.92
C PHE B 76 0.46 -13.35 9.47
N GLY B 77 -0.52 -13.25 8.58
CA GLY B 77 -1.89 -13.30 9.00
C GLY B 77 -2.64 -12.01 8.76
N GLY B 78 -3.13 -11.39 9.83
CA GLY B 78 -3.94 -10.20 9.69
C GLY B 78 -5.42 -10.53 9.65
N GLY B 79 -6.24 -9.50 9.75
CA GLY B 79 -7.66 -9.68 9.99
C GLY B 79 -8.43 -10.27 8.82
N THR B 80 -7.91 -10.15 7.60
CA THR B 80 -8.65 -10.61 6.44
C THR B 80 -8.36 -12.05 6.06
N MET B 81 -7.50 -12.76 6.79
CA MET B 81 -7.20 -14.14 6.44
C MET B 81 -8.30 -15.05 6.95
N GLY B 82 -8.74 -15.96 6.09
CA GLY B 82 -9.92 -16.76 6.40
C GLY B 82 -9.61 -17.97 7.27
N SER B 83 -10.59 -18.31 8.11
CA SER B 83 -10.48 -19.48 8.96
C SER B 83 -10.24 -20.74 8.15
N ASN B 84 -10.82 -20.80 6.94
CA ASN B 84 -10.64 -21.97 6.09
C ASN B 84 -9.19 -22.15 5.68
N ALA B 85 -8.46 -21.05 5.47
CA ALA B 85 -7.04 -21.20 5.12
C ALA B 85 -6.24 -21.73 6.30
N TYR B 86 -6.53 -21.23 7.50
CA TYR B 86 -5.86 -21.73 8.70
C TYR B 86 -6.19 -23.20 8.94
N ARG B 87 -7.42 -23.60 8.66
CA ARG B 87 -7.79 -25.00 8.85
C ARG B 87 -6.89 -25.92 8.03
N SER B 88 -6.64 -25.56 6.78
CA SER B 88 -5.75 -26.36 5.94
C SER B 88 -4.32 -26.30 6.47
N LEU B 89 -3.85 -25.11 6.84
CA LEU B 89 -2.49 -24.96 7.32
C LEU B 89 -2.26 -25.77 8.58
N SER B 90 -3.30 -25.93 9.40
CA SER B 90 -3.16 -26.64 10.67
C SER B 90 -2.84 -28.11 10.47
N GLU B 91 -3.12 -28.64 9.29
CA GLU B 91 -2.80 -30.03 9.00
C GLU B 91 -1.34 -30.24 8.58
N ASP B 92 -0.57 -29.16 8.37
CA ASP B 92 0.85 -29.30 8.07
C ASP B 92 1.60 -28.04 8.50
N THR B 93 1.78 -27.89 9.81
CA THR B 93 2.46 -26.69 10.32
C THR B 93 3.93 -26.66 9.96
N ALA B 94 4.56 -27.83 9.78
CA ALA B 94 5.98 -27.82 9.45
C ALA B 94 6.21 -27.21 8.07
N LYS B 95 5.30 -27.50 7.14
CA LYS B 95 5.40 -26.92 5.81
C LYS B 95 5.23 -25.41 5.86
N LEU B 96 4.22 -24.95 6.60
CA LEU B 96 4.01 -23.52 6.81
C LEU B 96 5.24 -22.88 7.44
N ALA B 97 5.76 -23.49 8.51
CA ALA B 97 6.93 -22.93 9.17
C ALA B 97 8.11 -22.84 8.21
N ASP B 98 8.31 -23.86 7.38
CA ASP B 98 9.43 -23.82 6.45
C ASP B 98 9.27 -22.68 5.45
N SER B 99 8.05 -22.46 4.96
CA SER B 99 7.81 -21.35 4.04
C SER B 99 8.06 -20.01 4.72
N LEU B 100 7.59 -19.85 5.96
CA LEU B 100 7.80 -18.61 6.69
C LEU B 100 9.29 -18.38 6.99
N ALA B 101 9.96 -19.41 7.50
CA ALA B 101 11.40 -19.30 7.78
C ALA B 101 12.19 -18.95 6.53
N SER B 102 11.84 -19.58 5.40
CA SER B 102 12.51 -19.26 4.15
C SER B 102 12.27 -17.82 3.75
N PHE B 103 11.02 -17.36 3.86
CA PHE B 103 10.76 -15.97 3.52
C PHE B 103 11.61 -15.03 4.36
N VAL B 104 11.68 -15.29 5.66
CA VAL B 104 12.52 -14.48 6.56
C VAL B 104 13.99 -14.49 6.11
N LYS B 105 14.53 -15.67 5.85
CA LYS B 105 15.95 -15.76 5.54
C LYS B 105 16.26 -15.20 4.17
N ASN B 106 15.41 -15.52 3.18
CA ASN B 106 15.65 -15.05 1.82
C ASN B 106 15.51 -13.54 1.71
N ASN B 107 14.74 -12.92 2.59
CA ASN B 107 14.61 -11.46 2.57
C ASN B 107 15.36 -10.80 3.71
N GLN B 108 16.24 -11.54 4.39
CA GLN B 108 17.14 -10.98 5.42
C GLN B 108 16.37 -10.20 6.48
N LEU B 109 15.25 -10.77 6.93
CA LEU B 109 14.46 -10.15 7.98
C LEU B 109 14.86 -10.69 9.35
N ASP B 110 14.33 -10.07 10.39
CA ASP B 110 14.71 -10.45 11.75
C ASP B 110 13.74 -11.42 12.41
N GLY B 111 12.70 -11.84 11.72
CA GLY B 111 11.77 -12.78 12.31
C GLY B 111 10.36 -12.57 11.79
N VAL B 112 9.40 -13.10 12.56
CA VAL B 112 8.01 -13.19 12.15
C VAL B 112 7.13 -12.71 13.28
N ASP B 113 6.11 -11.93 12.94
CA ASP B 113 5.01 -11.60 13.83
C ASP B 113 3.81 -12.40 13.36
N ILE B 114 3.22 -13.18 14.26
CA ILE B 114 2.09 -14.04 13.94
C ILE B 114 0.84 -13.27 14.37
N ASP B 115 0.21 -12.61 13.40
CA ASP B 115 -0.96 -11.79 13.70
C ASP B 115 -2.20 -12.64 13.43
N TYR B 116 -2.53 -13.48 14.41
CA TYR B 116 -3.55 -14.50 14.27
C TYR B 116 -4.85 -13.99 14.91
N GLU B 117 -5.93 -13.95 14.12
CA GLU B 117 -7.20 -13.36 14.56
C GLU B 117 -8.39 -14.31 14.36
N ASP B 118 -8.16 -15.61 14.21
CA ASP B 118 -9.24 -16.57 13.95
C ASP B 118 -9.85 -17.01 15.28
N THR B 119 -10.69 -16.13 15.82
CA THR B 119 -11.26 -16.35 17.15
C THR B 119 -12.09 -17.64 17.21
N ALA B 120 -12.78 -17.96 16.11
CA ALA B 120 -13.66 -19.13 16.12
C ALA B 120 -12.88 -20.42 16.33
N ALA B 121 -11.58 -20.43 16.06
CA ALA B 121 -10.81 -21.64 16.31
C ALA B 121 -10.49 -21.84 17.79
N PHE B 122 -10.82 -20.88 18.65
CA PHE B 122 -10.72 -21.08 20.09
C PHE B 122 -12.06 -21.46 20.72
N THR B 123 -13.15 -21.48 19.93
CA THR B 123 -14.49 -21.76 20.43
C THR B 123 -15.07 -23.05 19.89
N GLY B 124 -14.28 -23.88 19.23
CA GLY B 124 -14.81 -25.12 18.69
C GLY B 124 -15.65 -24.96 17.45
N GLN B 125 -15.62 -23.80 16.79
CA GLN B 125 -16.48 -23.51 15.65
C GLN B 125 -15.77 -23.50 14.32
N ALA B 126 -14.45 -23.74 14.27
CA ALA B 126 -13.67 -23.59 13.06
C ALA B 126 -13.22 -24.90 12.45
N GLY B 127 -13.49 -26.03 13.10
CA GLY B 127 -13.04 -27.30 12.56
C GLY B 127 -11.56 -27.56 12.70
N TYR B 128 -10.88 -26.85 13.61
CA TYR B 128 -9.50 -27.16 13.93
C TYR B 128 -9.19 -26.47 15.25
N ASP B 129 -8.22 -27.02 15.96
CA ASP B 129 -7.86 -26.51 17.28
C ASP B 129 -6.87 -25.37 17.09
N GLY B 130 -7.30 -24.14 17.33
CA GLY B 130 -6.45 -23.00 17.09
C GLY B 130 -5.26 -22.92 18.04
N ALA B 131 -5.44 -23.28 19.31
CA ALA B 131 -4.32 -23.21 20.24
C ALA B 131 -3.22 -24.19 19.82
N GLN B 132 -3.65 -25.40 19.47
CA GLN B 132 -2.70 -26.43 19.04
C GLN B 132 -1.94 -25.96 17.81
N PHE B 133 -2.65 -25.35 16.85
CA PHE B 133 -2.04 -24.79 15.64
C PHE B 133 -0.97 -23.77 16.00
N LEU B 134 -1.30 -22.83 16.87
CA LEU B 134 -0.32 -21.81 17.25
C LEU B 134 0.83 -22.42 18.05
N ILE B 135 0.55 -23.43 18.87
CA ILE B 135 1.62 -24.10 19.60
C ILE B 135 2.56 -24.80 18.64
N SER B 136 2.00 -25.61 17.74
CA SER B 136 2.83 -26.33 16.78
C SER B 136 3.57 -25.38 15.84
N LEU B 137 2.87 -24.39 15.30
CA LEU B 137 3.54 -23.42 14.43
C LEU B 137 4.69 -22.73 15.15
N THR B 138 4.47 -22.31 16.39
CA THR B 138 5.53 -21.63 17.12
C THR B 138 6.74 -22.56 17.31
N GLN B 139 6.49 -23.82 17.67
CA GLN B 139 7.59 -24.76 17.87
C GLN B 139 8.38 -24.96 16.59
N GLU B 140 7.67 -25.16 15.47
CA GLU B 140 8.35 -25.44 14.20
C GLU B 140 9.09 -24.22 13.70
N LEU B 141 8.51 -23.03 13.90
CA LEU B 141 9.17 -21.80 13.50
C LEU B 141 10.43 -21.57 14.32
N ARG B 142 10.33 -21.77 15.63
CA ARG B 142 11.46 -21.50 16.52
C ARG B 142 12.61 -22.46 16.25
N LYS B 143 12.27 -23.71 15.90
CA LYS B 143 13.27 -24.66 15.42
C LYS B 143 14.09 -24.05 14.29
N ARG B 144 13.43 -23.44 13.32
CA ARG B 144 14.11 -22.93 12.12
C ARG B 144 14.65 -21.51 12.29
N LEU B 145 14.13 -20.74 13.26
CA LEU B 145 14.54 -19.36 13.51
C LEU B 145 14.91 -19.24 14.98
N PRO B 146 16.12 -19.67 15.35
CA PRO B 146 16.44 -19.80 16.78
C PRO B 146 16.64 -18.46 17.46
N SER B 147 16.41 -18.47 18.76
CA SER B 147 16.79 -17.37 19.63
C SER B 147 18.30 -17.44 19.87
N PRO B 148 18.93 -16.30 20.07
CA PRO B 148 18.26 -15.01 20.06
C PRO B 148 18.44 -14.23 18.77
N ASP B 149 18.87 -14.88 17.72
CA ASP B 149 19.07 -14.22 16.46
C ASP B 149 17.81 -13.78 15.72
N TYR B 150 16.71 -14.44 16.02
CA TYR B 150 15.44 -14.17 15.37
C TYR B 150 14.34 -13.94 16.40
N ILE B 151 13.33 -13.18 15.97
CA ILE B 151 12.18 -12.82 16.79
C ILE B 151 10.97 -13.59 16.30
N ILE B 152 10.18 -14.11 17.24
CA ILE B 152 8.84 -14.61 16.96
C ILE B 152 7.91 -13.90 17.92
N SER B 153 7.03 -13.06 17.39
CA SER B 153 5.99 -12.44 18.20
C SER B 153 4.63 -12.93 17.71
N HIS B 154 3.62 -12.75 18.56
CA HIS B 154 2.22 -12.95 18.22
C HIS B 154 1.51 -11.64 18.54
N ALA B 155 0.28 -11.47 18.03
CA ALA B 155 -0.49 -10.22 18.23
C ALA B 155 -1.90 -10.55 18.68
N PRO B 156 -2.06 -11.13 19.86
CA PRO B 156 -3.39 -11.55 20.31
C PRO B 156 -4.26 -10.38 20.74
N GLN B 157 -5.54 -10.63 20.71
CA GLN B 157 -6.53 -9.70 21.26
C GLN B 157 -6.83 -10.08 22.71
N PRO B 158 -7.33 -9.13 23.51
CA PRO B 158 -7.43 -9.35 24.96
C PRO B 158 -8.25 -10.59 25.32
N PRO B 159 -9.39 -10.87 24.67
CA PRO B 159 -10.13 -12.10 25.06
C PRO B 159 -9.30 -13.36 24.99
N TYR B 160 -8.32 -13.39 24.09
CA TYR B 160 -7.47 -14.58 23.94
C TYR B 160 -6.68 -14.87 25.19
N LEU B 161 -6.45 -13.86 26.04
CA LEU B 161 -5.57 -13.97 27.19
C LEU B 161 -6.31 -14.00 28.52
N GLU B 162 -7.63 -14.10 28.50
CA GLU B 162 -8.45 -13.98 29.69
C GLU B 162 -8.62 -15.35 30.34
N GLN B 163 -7.90 -15.57 31.45
CA GLN B 163 -7.98 -16.83 32.19
C GLN B 163 -9.43 -17.26 32.40
N GLY B 164 -9.74 -18.46 32.01
CA GLY B 164 -11.09 -18.93 32.15
C GLY B 164 -12.06 -18.54 31.08
N GLY B 165 -11.64 -17.69 30.18
CA GLY B 165 -12.52 -17.24 29.14
C GLY B 165 -12.85 -18.24 28.05
N TYR B 166 -13.95 -17.98 27.40
CA TYR B 166 -14.45 -18.77 26.33
C TYR B 166 -13.65 -18.69 25.03
N MET B 167 -12.85 -17.67 24.87
CA MET B 167 -12.07 -17.52 23.66
C MET B 167 -10.57 -17.40 24.00
N ALA B 168 -10.21 -17.79 25.20
CA ALA B 168 -8.88 -17.61 25.69
C ALA B 168 -7.82 -18.56 25.19
N GLY B 169 -7.79 -18.72 23.89
CA GLY B 169 -6.88 -19.68 23.31
C GLY B 169 -5.41 -19.41 23.60
N TYR B 170 -5.03 -18.14 23.78
CA TYR B 170 -3.64 -17.83 24.04
C TYR B 170 -3.22 -18.13 25.47
N VAL B 171 -4.15 -18.38 26.39
CA VAL B 171 -3.75 -18.91 27.69
C VAL B 171 -3.06 -20.26 27.48
N GLU B 172 -3.69 -21.13 26.70
CA GLU B 172 -3.08 -22.41 26.37
C GLU B 172 -1.76 -22.23 25.62
N VAL B 173 -1.73 -21.30 24.65
CA VAL B 173 -0.51 -21.09 23.89
C VAL B 173 0.65 -20.71 24.81
N VAL B 174 0.47 -19.69 25.66
CA VAL B 174 1.62 -19.26 26.45
C VAL B 174 2.00 -20.33 27.47
N GLU B 175 1.02 -21.11 27.94
CA GLU B 175 1.32 -22.14 28.93
C GLU B 175 2.21 -23.23 28.35
N LEU B 176 2.09 -23.50 27.05
CA LEU B 176 2.83 -24.58 26.41
C LEU B 176 4.10 -24.11 25.72
N VAL B 177 4.12 -22.91 25.12
CA VAL B 177 5.27 -22.49 24.31
C VAL B 177 5.64 -21.04 24.56
N GLY B 178 5.10 -20.43 25.62
CA GLY B 178 5.42 -19.05 25.91
C GLY B 178 6.90 -18.79 26.05
N GLN B 179 7.67 -19.79 26.50
CA GLN B 179 9.10 -19.63 26.61
C GLN B 179 9.77 -19.45 25.24
N GLU B 180 9.09 -19.82 24.16
CA GLU B 180 9.65 -19.70 22.82
C GLU B 180 9.18 -18.43 22.09
N ILE B 181 8.31 -17.64 22.70
CA ILE B 181 7.79 -16.43 22.09
C ILE B 181 8.51 -15.24 22.68
N ASP B 182 8.94 -14.31 21.84
CA ASP B 182 9.65 -13.15 22.36
C ASP B 182 8.70 -12.18 23.05
N TRP B 183 7.54 -11.90 22.46
CA TRP B 183 6.56 -11.03 23.11
C TRP B 183 5.21 -11.13 22.39
N LEU B 184 4.20 -10.61 23.06
CA LEU B 184 2.84 -10.51 22.54
C LEU B 184 2.52 -9.05 22.25
N ASN B 185 2.05 -8.77 21.04
CA ASN B 185 1.53 -7.44 20.69
C ASN B 185 0.04 -7.44 20.98
N VAL B 186 -0.35 -7.08 22.20
CA VAL B 186 -1.76 -7.16 22.57
C VAL B 186 -2.53 -5.99 21.95
N GLN B 187 -3.59 -6.32 21.21
CA GLN B 187 -4.39 -5.32 20.51
C GLN B 187 -5.49 -4.80 21.43
N PHE B 188 -5.18 -3.73 22.17
CA PHE B 188 -6.19 -3.12 23.02
C PHE B 188 -7.10 -2.19 22.22
N TYR B 189 -7.67 -2.71 21.14
CA TYR B 189 -8.60 -1.97 20.30
C TYR B 189 -9.46 -2.98 19.56
N ASN B 190 -10.56 -2.48 18.98
CA ASN B 190 -11.57 -3.34 18.35
C ASN B 190 -12.09 -4.42 19.28
N ASN B 191 -11.99 -4.19 20.59
CA ASN B 191 -12.38 -5.19 21.58
C ASN B 191 -12.95 -4.49 22.79
N PRO B 192 -14.27 -4.29 22.83
CA PRO B 192 -14.91 -3.92 24.09
C PRO B 192 -14.85 -5.12 25.02
N PRO B 193 -14.77 -4.88 26.32
CA PRO B 193 -14.81 -3.59 27.03
C PRO B 193 -13.45 -2.96 27.29
N TRP B 194 -12.40 -3.49 26.63
CA TRP B 194 -11.09 -2.89 26.78
C TRP B 194 -10.95 -1.60 26.00
N SER B 195 -11.57 -1.52 24.82
CA SER B 195 -11.41 -0.38 23.92
C SER B 195 -11.66 0.93 24.65
N ALA B 196 -10.66 1.81 24.65
CA ALA B 196 -10.75 3.16 25.19
C ALA B 196 -11.14 3.16 26.66
N ASN B 197 -10.76 2.10 27.36
CA ASN B 197 -11.13 1.89 28.76
C ASN B 197 -9.84 1.65 29.54
N PRO B 198 -9.13 2.72 29.88
CA PRO B 198 -7.77 2.55 30.45
C PRO B 198 -7.73 1.69 31.70
N ASP B 199 -8.70 1.86 32.60
CA ASP B 199 -8.74 1.07 33.82
C ASP B 199 -8.77 -0.42 33.49
N GLN B 200 -9.62 -0.81 32.54
CA GLN B 200 -9.66 -2.21 32.14
C GLN B 200 -8.38 -2.61 31.43
N ILE B 201 -7.80 -1.71 30.64
CA ILE B 201 -6.57 -2.06 29.94
C ILE B 201 -5.46 -2.34 30.94
N VAL B 202 -5.34 -1.50 31.96
CA VAL B 202 -4.27 -1.66 32.94
C VAL B 202 -4.43 -2.96 33.71
N SER B 203 -5.63 -3.23 34.22
CA SER B 203 -5.79 -4.43 35.03
C SER B 203 -5.54 -5.68 34.19
N SER B 204 -6.07 -5.72 32.96
CA SER B 204 -5.82 -6.87 32.10
C SER B 204 -4.35 -6.99 31.75
N TYR B 205 -3.70 -5.86 31.42
CA TYR B 205 -2.25 -5.91 31.15
C TYR B 205 -1.51 -6.58 32.30
N LEU B 206 -1.78 -6.15 33.53
CA LEU B 206 -1.08 -6.73 34.67
C LEU B 206 -1.34 -8.24 34.78
N ASN B 207 -2.60 -8.64 34.58
CA ASN B 207 -2.94 -10.06 34.60
C ASN B 207 -2.14 -10.84 33.57
N TYR B 208 -2.04 -10.30 32.35
CA TYR B 208 -1.37 -11.04 31.27
C TYR B 208 0.10 -11.23 31.57
N THR B 209 0.75 -10.27 32.24
CA THR B 209 2.16 -10.44 32.56
C THR B 209 2.39 -11.53 33.58
N LYS B 210 1.33 -11.95 34.28
CA LYS B 210 1.43 -12.97 35.29
C LYS B 210 1.00 -14.35 34.80
N LEU B 211 0.64 -14.47 33.53
CA LEU B 211 0.35 -15.79 32.97
C LEU B 211 1.61 -16.64 32.99
N PRO B 212 1.48 -17.96 33.03
CA PRO B 212 2.67 -18.82 32.98
C PRO B 212 3.55 -18.47 31.78
N ASN B 213 4.84 -18.32 32.04
CA ASN B 213 5.90 -18.01 31.07
C ASN B 213 5.89 -16.57 30.60
N MET B 214 4.91 -15.78 31.02
CA MET B 214 4.84 -14.38 30.61
C MET B 214 5.51 -13.48 31.65
N SER B 215 5.67 -12.22 31.27
CA SER B 215 6.31 -11.21 32.08
C SER B 215 6.01 -9.85 31.47
N PRO B 216 6.25 -8.75 32.18
CA PRO B 216 6.15 -7.43 31.53
C PRO B 216 6.93 -7.36 30.24
N GLU B 217 8.17 -7.85 30.25
CA GLU B 217 9.01 -7.81 29.05
C GLU B 217 8.32 -8.44 27.84
N LYS B 218 7.49 -9.45 28.06
CA LYS B 218 6.90 -10.20 26.95
C LYS B 218 5.49 -9.75 26.57
N VAL B 219 4.97 -8.69 27.20
CA VAL B 219 3.63 -8.21 26.90
C VAL B 219 3.74 -6.75 26.48
N ILE B 220 3.33 -6.46 25.23
CA ILE B 220 3.37 -5.11 24.66
C ILE B 220 1.94 -4.64 24.51
N ALA B 221 1.67 -3.40 24.92
CA ALA B 221 0.31 -2.87 24.86
C ALA B 221 0.14 -2.08 23.57
N GLY B 222 -0.82 -2.48 22.74
CA GLY B 222 -0.98 -1.93 21.39
C GLY B 222 -2.21 -1.05 21.28
N PHE B 223 -2.06 0.05 20.53
CA PHE B 223 -3.08 1.08 20.43
C PHE B 223 -3.16 1.60 18.99
N PRO B 224 -4.33 2.15 18.63
CA PRO B 224 -4.41 2.85 17.33
C PRO B 224 -3.82 4.24 17.45
N VAL B 225 -3.15 4.68 16.39
CA VAL B 225 -2.56 6.02 16.40
C VAL B 225 -3.65 7.08 16.31
N THR B 226 -4.57 6.92 15.38
CA THR B 226 -5.64 7.88 15.12
C THR B 226 -7.00 7.18 15.19
N GLN B 227 -8.05 7.97 15.17
CA GLN B 227 -9.37 7.43 15.21
C GLN B 227 -9.64 6.51 14.03
N ASN B 228 -9.08 6.86 12.88
CA ASN B 228 -9.39 6.06 11.70
C ASN B 228 -8.67 4.72 11.70
N ASP B 229 -7.81 4.47 12.68
CA ASP B 229 -6.99 3.26 12.69
C ASP B 229 -7.70 2.06 13.32
N ALA B 230 -8.84 2.26 13.97
CA ALA B 230 -9.56 1.12 14.55
C ALA B 230 -11.04 1.48 14.66
N GLY B 231 -11.88 0.45 14.61
CA GLY B 231 -13.30 0.65 14.79
C GLY B 231 -13.65 1.08 16.20
N SER B 232 -12.86 0.64 17.19
CA SER B 232 -13.03 1.10 18.55
C SER B 232 -11.67 1.11 19.23
N GLY B 233 -11.52 1.99 20.22
CA GLY B 233 -10.35 1.97 21.07
C GLY B 233 -9.41 3.13 20.95
N TYR B 234 -9.68 4.10 20.07
CA TYR B 234 -8.82 5.27 20.02
C TYR B 234 -8.85 6.05 21.32
N MET B 235 -7.67 6.43 21.81
CA MET B 235 -7.53 7.35 22.92
C MET B 235 -6.46 8.37 22.56
N PRO B 236 -6.64 9.64 22.94
CA PRO B 236 -5.57 10.62 22.75
C PRO B 236 -4.30 10.18 23.44
N VAL B 237 -3.16 10.66 22.94
CA VAL B 237 -1.91 10.18 23.49
C VAL B 237 -1.75 10.58 24.95
N GLN B 238 -2.33 11.71 25.38
CA GLN B 238 -2.19 12.09 26.78
C GLN B 238 -2.94 11.11 27.68
N THR B 239 -4.00 10.49 27.15
CA THR B 239 -4.73 9.47 27.91
C THR B 239 -3.94 8.17 27.98
N ILE B 240 -3.32 7.75 26.87
CA ILE B 240 -2.46 6.56 26.92
C ILE B 240 -1.38 6.76 27.97
N ILE B 241 -0.71 7.93 27.93
CA ILE B 241 0.42 8.17 28.83
C ILE B 241 -0.04 8.15 30.29
N ASN B 242 -1.07 8.93 30.60
CA ASN B 242 -1.35 9.18 32.00
C ASN B 242 -2.36 8.22 32.61
N GLU B 243 -3.08 7.44 31.80
CA GLU B 243 -4.04 6.48 32.32
C GLU B 243 -3.71 5.03 31.98
N VAL B 244 -2.69 4.78 31.16
CA VAL B 244 -2.25 3.42 30.88
C VAL B 244 -0.78 3.26 31.27
N ILE B 245 0.09 4.00 30.60
CA ILE B 245 1.54 3.83 30.78
C ILE B 245 1.96 4.12 32.21
N LYS B 246 1.62 5.30 32.71
CA LYS B 246 2.05 5.64 34.06
C LYS B 246 1.43 4.73 35.12
N PRO B 247 0.13 4.41 35.09
CA PRO B 247 -0.39 3.43 36.07
C PRO B 247 0.29 2.06 35.99
N ILE B 248 0.68 1.60 34.81
CA ILE B 248 1.41 0.33 34.76
C ILE B 248 2.82 0.49 35.33
N GLN B 249 3.47 1.58 35.04
CA GLN B 249 4.81 1.79 35.53
C GLN B 249 4.85 1.92 37.07
N GLN B 250 3.77 2.41 37.64
CA GLN B 250 3.69 2.54 39.08
C GLN B 250 3.62 1.19 39.75
N GLN B 251 2.90 0.25 39.17
CA GLN B 251 2.75 -1.04 39.78
C GLN B 251 3.69 -2.14 39.33
N SER B 252 4.29 -2.00 38.15
CA SER B 252 5.11 -3.00 37.58
C SER B 252 6.04 -2.35 36.57
N SER B 253 6.49 -3.11 35.60
CA SER B 253 7.19 -2.54 34.47
C SER B 253 6.37 -2.78 33.21
N LEU B 254 6.70 -2.03 32.17
CA LEU B 254 5.93 -2.02 30.94
C LEU B 254 6.80 -2.54 29.83
N GLY B 255 6.42 -3.67 29.24
CA GLY B 255 7.23 -4.25 28.18
C GLY B 255 7.34 -3.35 26.97
N GLY B 256 6.31 -2.57 26.69
CA GLY B 256 6.39 -1.60 25.62
C GLY B 256 5.02 -1.22 25.06
N ILE B 257 5.07 -0.51 23.93
CA ILE B 257 3.88 0.04 23.27
C ILE B 257 3.97 -0.30 21.80
N MET B 258 2.88 -0.83 21.26
CA MET B 258 2.73 -1.11 19.84
C MET B 258 1.69 -0.17 19.27
N ASN B 259 1.76 0.13 17.98
CA ASN B 259 0.67 0.90 17.39
C ASN B 259 0.27 0.31 16.04
N TRP B 260 -1.00 0.51 15.72
CA TRP B 260 -1.51 0.38 14.37
C TRP B 260 -1.93 1.78 13.95
N GLN B 261 -1.30 2.39 12.95
CA GLN B 261 -0.16 1.88 12.21
C GLN B 261 0.75 3.04 11.82
N PHE B 262 1.95 2.71 11.32
CA PHE B 262 3.01 3.69 11.12
C PHE B 262 2.57 4.89 10.31
N SER B 263 1.92 4.64 9.16
CA SER B 263 1.64 5.74 8.23
C SER B 263 0.54 6.67 8.71
N SER B 264 -0.08 6.41 9.86
CA SER B 264 -1.06 7.33 10.42
C SER B 264 -0.43 8.39 11.33
N ASP B 265 0.87 8.29 11.61
CA ASP B 265 1.53 9.12 12.62
C ASP B 265 2.27 10.24 11.92
N HIS B 266 1.70 11.39 11.91
CA HIS B 266 2.25 12.58 11.30
C HIS B 266 3.57 13.08 11.87
N ASN B 267 4.60 13.07 11.04
CA ASN B 267 5.94 13.50 11.43
C ASN B 267 6.51 12.68 12.58
N GLY B 268 5.97 11.50 12.86
CA GLY B 268 6.39 10.72 13.99
C GLY B 268 6.10 11.31 15.35
N ASP B 269 5.18 12.26 15.44
CA ASP B 269 4.96 12.93 16.72
C ASP B 269 4.42 11.97 17.77
N TRP B 270 3.54 11.06 17.38
CA TRP B 270 2.97 10.10 18.33
C TRP B 270 4.07 9.24 18.94
N ILE B 271 4.93 8.65 18.11
CA ILE B 271 5.93 7.75 18.67
C ILE B 271 6.95 8.53 19.47
N LYS B 272 7.26 9.74 19.07
CA LYS B 272 8.19 10.56 19.86
C LYS B 272 7.64 10.80 21.30
N ALA B 273 6.40 11.20 21.41
CA ALA B 273 5.77 11.41 22.68
C ALA B 273 5.64 10.08 23.52
N ILE B 274 5.24 9.01 22.89
CA ILE B 274 5.12 7.74 23.58
C ILE B 274 6.48 7.29 24.06
N ALA B 275 7.45 7.32 23.18
CA ALA B 275 8.77 6.87 23.55
C ALA B 275 9.35 7.67 24.73
N GLN B 276 9.11 8.96 24.74
CA GLN B 276 9.62 9.79 25.81
C GLN B 276 9.04 9.35 27.15
N SER B 277 7.82 8.89 27.12
CA SER B 277 7.15 8.48 28.34
C SER B 277 7.62 7.11 28.81
N LEU B 278 8.27 6.35 27.94
CA LEU B 278 8.78 5.03 28.29
C LEU B 278 10.20 5.10 28.83
N SER C 2 -21.40 16.11 -13.72
CA SER C 2 -20.31 15.87 -12.77
C SER C 2 -19.88 14.41 -12.81
N LYS C 3 -18.57 14.20 -12.90
CA LYS C 3 -18.00 12.87 -12.91
C LYS C 3 -17.43 12.55 -11.54
N THR C 4 -17.46 11.28 -11.17
CA THR C 4 -16.82 10.80 -9.95
C THR C 4 -15.61 9.95 -10.36
N ILE C 5 -14.46 10.24 -9.75
CA ILE C 5 -13.18 9.65 -10.14
C ILE C 5 -12.47 9.18 -8.88
N THR C 6 -11.82 8.02 -8.96
CA THR C 6 -10.99 7.56 -7.86
C THR C 6 -9.69 7.00 -8.39
N TYR C 7 -8.66 7.03 -7.55
CA TYR C 7 -7.40 6.32 -7.81
C TYR C 7 -7.38 5.01 -7.07
N TYR C 8 -6.99 3.94 -7.74
CA TYR C 8 -6.79 2.63 -7.13
C TYR C 8 -5.30 2.37 -7.04
N ASN C 9 -4.78 2.40 -5.82
CA ASN C 9 -3.38 2.10 -5.56
C ASN C 9 -3.28 1.00 -4.52
N SER C 10 -3.63 1.29 -3.27
CA SER C 10 -3.72 0.24 -2.28
C SER C 10 -4.73 -0.83 -2.68
N GLY C 11 -4.36 -2.08 -2.47
CA GLY C 11 -5.25 -3.19 -2.73
C GLY C 11 -6.13 -3.64 -1.58
N ALA C 12 -6.24 -2.85 -0.50
CA ALA C 12 -6.98 -3.31 0.67
C ALA C 12 -8.40 -3.70 0.32
N VAL C 13 -9.01 -3.02 -0.63
CA VAL C 13 -10.33 -3.38 -1.15
C VAL C 13 -10.14 -3.95 -2.55
N PRO C 14 -10.75 -5.09 -2.88
CA PRO C 14 -10.64 -5.65 -4.23
C PRO C 14 -11.12 -4.66 -5.28
N LEU C 15 -10.36 -4.58 -6.38
CA LEU C 15 -10.67 -3.61 -7.42
C LEU C 15 -12.08 -3.81 -7.98
N ILE C 16 -12.49 -5.07 -8.16
CA ILE C 16 -13.79 -5.33 -8.76
C ILE C 16 -14.93 -4.69 -7.96
N ASN C 17 -14.72 -4.38 -6.68
CA ASN C 17 -15.76 -3.73 -5.89
C ASN C 17 -16.13 -2.36 -6.45
N ALA C 18 -15.21 -1.72 -7.18
CA ALA C 18 -15.54 -0.42 -7.75
C ALA C 18 -16.67 -0.52 -8.76
N SER C 19 -16.81 -1.68 -9.41
CA SER C 19 -17.87 -1.86 -10.40
C SER C 19 -19.27 -1.78 -9.82
N GLU C 20 -19.41 -1.89 -8.50
CA GLU C 20 -20.71 -1.79 -7.84
C GLU C 20 -20.95 -0.43 -7.20
N LEU C 21 -20.09 0.55 -7.46
CA LEU C 21 -20.16 1.84 -6.79
C LEU C 21 -20.27 2.95 -7.84
N PRO C 22 -20.78 4.09 -7.46
CA PRO C 22 -21.12 5.12 -8.45
C PRO C 22 -19.90 5.94 -8.88
N TYR C 23 -18.94 5.25 -9.49
CA TYR C 23 -17.79 5.89 -10.10
C TYR C 23 -17.95 5.95 -11.61
N ASP C 24 -17.54 7.07 -12.20
CA ASP C 24 -17.46 7.15 -13.65
C ASP C 24 -16.10 6.73 -14.16
N VAL C 25 -15.04 7.01 -13.42
CA VAL C 25 -13.67 6.78 -13.88
C VAL C 25 -12.85 6.20 -12.73
N VAL C 26 -12.07 5.16 -13.01
CA VAL C 26 -11.13 4.59 -12.05
C VAL C 26 -9.74 4.66 -12.66
N ASN C 27 -8.82 5.32 -11.96
CA ASN C 27 -7.42 5.46 -12.37
C ASN C 27 -6.58 4.41 -11.65
N LEU C 28 -5.98 3.49 -12.40
CA LEU C 28 -5.12 2.49 -11.80
C LEU C 28 -3.73 3.09 -11.60
N ALA C 29 -3.23 3.02 -10.37
CA ALA C 29 -2.04 3.77 -9.97
C ALA C 29 -0.97 2.82 -9.45
N PHE C 30 0.23 2.81 -10.02
CA PHE C 30 0.68 3.65 -11.13
C PHE C 30 1.51 2.82 -12.11
N LEU C 31 1.65 3.34 -13.32
CA LEU C 31 2.72 2.95 -14.23
C LEU C 31 3.81 4.01 -14.10
N SER C 32 5.04 3.58 -13.88
CA SER C 32 6.16 4.50 -13.73
C SER C 32 7.37 3.96 -14.47
N SER C 33 8.43 4.76 -14.52
CA SER C 33 9.66 4.37 -15.19
C SER C 33 10.44 3.35 -14.36
N PRO C 38 14.57 4.02 -17.50
CA PRO C 38 13.46 4.98 -17.46
C PRO C 38 12.45 4.78 -18.55
N PHE C 39 12.81 4.09 -19.61
CA PHE C 39 11.86 3.86 -20.69
C PHE C 39 11.09 2.54 -20.56
N ASN C 40 11.47 1.74 -19.61
CA ASN C 40 10.83 0.50 -19.30
C ASN C 40 9.73 0.91 -18.26
N LEU C 41 8.49 1.02 -18.70
CA LEU C 41 7.40 1.43 -17.82
C LEU C 41 6.90 0.21 -17.04
N VAL C 42 6.82 0.36 -15.72
CA VAL C 42 6.60 -0.78 -14.85
C VAL C 42 5.45 -0.51 -13.89
N LEU C 43 4.78 -1.60 -13.50
CA LEU C 43 3.75 -1.64 -12.48
C LEU C 43 4.36 -2.06 -11.15
N SER C 44 3.68 -1.69 -10.06
CA SER C 44 4.12 -2.06 -8.72
C SER C 44 2.93 -2.01 -7.80
N GLY C 45 2.63 -3.13 -7.13
CA GLY C 45 1.56 -3.11 -6.15
C GLY C 45 0.57 -4.22 -6.42
N ALA C 46 -0.63 -4.06 -5.85
CA ALA C 46 -1.60 -5.15 -5.81
C ALA C 46 -2.11 -5.52 -7.19
N ILE C 47 -2.19 -4.57 -8.12
CA ILE C 47 -2.66 -4.88 -9.48
C ILE C 47 -1.61 -5.55 -10.35
N ALA C 48 -0.36 -5.69 -9.88
CA ALA C 48 0.75 -6.16 -10.71
C ALA C 48 0.99 -7.65 -10.50
N ALA C 49 0.90 -8.42 -11.58
CA ALA C 49 1.37 -9.80 -11.53
C ALA C 49 2.89 -9.84 -11.67
N THR C 50 3.40 -9.07 -12.63
CA THR C 50 4.82 -8.80 -12.82
C THR C 50 4.97 -7.29 -13.03
N GLU C 51 6.21 -6.84 -13.20
CA GLU C 51 6.40 -5.43 -13.49
C GLU C 51 5.72 -5.01 -14.80
N SER C 52 5.36 -5.96 -15.67
CA SER C 52 4.81 -5.59 -16.97
C SER C 52 3.39 -6.06 -17.22
N SER C 53 2.73 -6.69 -16.25
CA SER C 53 1.45 -7.31 -16.52
C SER C 53 0.52 -7.19 -15.33
N PHE C 54 -0.77 -7.01 -15.61
CA PHE C 54 -1.81 -7.00 -14.59
C PHE C 54 -2.10 -8.41 -14.09
N THR C 55 -2.56 -8.51 -12.85
CA THR C 55 -3.00 -9.80 -12.34
C THR C 55 -4.30 -10.23 -13.04
N THR C 56 -4.56 -11.53 -13.00
CA THR C 56 -5.75 -12.07 -13.66
C THR C 56 -7.02 -11.43 -13.11
N ASN C 57 -7.09 -11.22 -11.79
CA ASN C 57 -8.28 -10.59 -11.22
C ASN C 57 -8.40 -9.13 -11.65
N THR C 58 -7.27 -8.43 -11.82
CA THR C 58 -7.31 -7.05 -12.29
C THR C 58 -7.86 -7.00 -13.70
N ILE C 59 -7.35 -7.86 -14.58
CA ILE C 59 -7.84 -7.94 -15.95
C ILE C 59 -9.35 -8.13 -15.96
N GLU C 60 -9.84 -9.07 -15.15
CA GLU C 60 -11.28 -9.33 -15.10
C GLU C 60 -12.05 -8.15 -14.52
N ALA C 61 -11.54 -7.53 -13.49
CA ALA C 61 -12.22 -6.40 -12.91
C ALA C 61 -12.39 -5.25 -13.88
N ILE C 62 -11.38 -4.99 -14.67
CA ILE C 62 -11.42 -3.92 -15.65
C ILE C 62 -12.57 -4.17 -16.62
N LYS C 63 -12.62 -5.45 -17.03
CA LYS C 63 -13.64 -5.88 -17.94
C LYS C 63 -14.99 -5.63 -17.36
N VAL C 64 -15.14 -5.98 -16.12
CA VAL C 64 -16.41 -5.84 -15.47
C VAL C 64 -16.79 -4.37 -15.32
N MET C 65 -15.88 -3.58 -14.82
CA MET C 65 -16.09 -2.14 -14.71
C MET C 65 -16.48 -1.53 -16.06
N GLN C 66 -15.75 -1.89 -17.12
CA GLN C 66 -16.06 -1.34 -18.44
C GLN C 66 -17.44 -1.79 -18.90
N HIS C 67 -17.80 -3.01 -18.55
CA HIS C 67 -19.11 -3.55 -18.91
C HIS C 67 -20.18 -2.69 -18.25
N LYS C 68 -19.90 -2.22 -17.04
CA LYS C 68 -20.80 -1.34 -16.30
C LYS C 68 -20.78 0.09 -16.81
N GLY C 69 -20.03 0.38 -17.87
CA GLY C 69 -19.94 1.71 -18.40
C GLY C 69 -18.90 2.61 -17.74
N GLN C 70 -18.10 2.10 -16.82
CA GLN C 70 -17.07 2.91 -16.21
C GLN C 70 -15.85 2.98 -17.11
N LYS C 71 -15.11 4.07 -16.99
CA LYS C 71 -13.85 4.25 -17.72
C LYS C 71 -12.70 3.88 -16.81
N VAL C 72 -11.77 3.08 -17.31
CA VAL C 72 -10.61 2.64 -16.55
C VAL C 72 -9.36 3.16 -17.23
N LEU C 73 -8.60 3.99 -16.53
CA LEU C 73 -7.37 4.54 -17.07
C LEU C 73 -6.17 3.94 -16.35
N ILE C 74 -5.00 4.03 -16.99
CA ILE C 74 -3.74 3.81 -16.32
C ILE C 74 -3.16 5.17 -15.97
N SER C 75 -2.75 5.34 -14.71
CA SER C 75 -2.16 6.60 -14.25
C SER C 75 -0.65 6.48 -14.31
N PHE C 76 -0.03 7.36 -15.08
CA PHE C 76 1.41 7.36 -15.29
C PHE C 76 2.03 8.44 -14.41
N GLY C 77 3.05 8.06 -13.65
CA GLY C 77 3.70 8.99 -12.76
C GLY C 77 3.55 8.62 -11.31
N GLY C 78 2.91 9.49 -10.52
CA GLY C 78 2.77 9.29 -9.10
C GLY C 78 3.84 10.03 -8.32
N GLY C 79 3.58 10.19 -7.01
CA GLY C 79 4.45 11.00 -6.18
C GLY C 79 5.88 10.48 -6.08
N THR C 80 6.06 9.18 -6.13
CA THR C 80 7.38 8.62 -5.87
C THR C 80 8.21 8.42 -7.12
N MET C 81 7.71 8.77 -8.30
CA MET C 81 8.54 8.73 -9.49
C MET C 81 9.57 9.85 -9.48
N GLY C 82 10.81 9.51 -9.85
CA GLY C 82 11.91 10.43 -9.67
C GLY C 82 12.11 11.39 -10.83
N SER C 83 12.60 12.59 -10.48
CA SER C 83 12.92 13.59 -11.50
C SER C 83 13.96 13.07 -12.46
N ASN C 84 14.87 12.21 -11.98
CA ASN C 84 15.86 11.57 -12.84
C ASN C 84 15.19 10.90 -14.04
N ALA C 85 14.22 10.03 -13.78
CA ALA C 85 13.53 9.32 -14.85
C ALA C 85 12.81 10.28 -15.79
N TYR C 86 12.10 11.27 -15.22
CA TYR C 86 11.42 12.25 -16.07
C TYR C 86 12.40 12.95 -16.98
N ARG C 87 13.56 13.36 -16.45
CA ARG C 87 14.52 14.06 -17.30
C ARG C 87 14.92 13.21 -18.50
N SER C 88 15.20 11.93 -18.27
CA SER C 88 15.53 11.06 -19.39
C SER C 88 14.38 10.96 -20.38
N LEU C 89 13.15 10.78 -19.86
CA LEU C 89 11.99 10.69 -20.74
C LEU C 89 11.81 11.95 -21.58
N SER C 90 12.13 13.12 -21.02
CA SER C 90 11.90 14.38 -21.71
C SER C 90 12.73 14.50 -22.98
N GLU C 91 13.79 13.69 -23.13
CA GLU C 91 14.61 13.73 -24.32
C GLU C 91 13.99 12.94 -25.48
N ASP C 92 12.94 12.15 -25.23
CA ASP C 92 12.32 11.36 -26.29
C ASP C 92 10.88 11.08 -25.89
N THR C 93 10.03 12.11 -25.91
CA THR C 93 8.64 11.94 -25.49
C THR C 93 7.86 11.03 -26.43
N ALA C 94 8.30 10.90 -27.69
CA ALA C 94 7.56 10.05 -28.63
C ALA C 94 7.67 8.58 -28.25
N LYS C 95 8.86 8.15 -27.85
CA LYS C 95 9.03 6.78 -27.38
C LYS C 95 8.19 6.51 -26.14
N LEU C 96 8.14 7.49 -25.22
CA LEU C 96 7.29 7.33 -24.05
C LEU C 96 5.82 7.26 -24.45
N ALA C 97 5.38 8.15 -25.33
CA ALA C 97 4.00 8.10 -25.80
C ALA C 97 3.70 6.76 -26.48
N ASP C 98 4.62 6.27 -27.30
CA ASP C 98 4.45 4.96 -27.91
C ASP C 98 4.23 3.88 -26.85
N SER C 99 5.06 3.89 -25.80
CA SER C 99 4.93 2.89 -24.75
C SER C 99 3.61 3.06 -24.01
N LEU C 100 3.22 4.29 -23.71
CA LEU C 100 1.96 4.52 -23.00
C LEU C 100 0.77 4.08 -23.85
N ALA C 101 0.78 4.46 -25.13
CA ALA C 101 -0.34 4.12 -26.00
C ALA C 101 -0.43 2.61 -26.22
N SER C 102 0.72 1.95 -26.37
CA SER C 102 0.70 0.50 -26.49
C SER C 102 0.16 -0.16 -25.23
N PHE C 103 0.57 0.33 -24.05
CA PHE C 103 0.05 -0.24 -22.81
C PHE C 103 -1.47 -0.10 -22.73
N VAL C 104 -1.99 1.06 -23.14
CA VAL C 104 -3.44 1.27 -23.11
C VAL C 104 -4.14 0.30 -24.06
N LYS C 105 -3.69 0.26 -25.32
CA LYS C 105 -4.39 -0.59 -26.29
C LYS C 105 -4.21 -2.07 -25.96
N ASN C 106 -3.01 -2.47 -25.55
CA ASN C 106 -2.75 -3.86 -25.26
C ASN C 106 -3.60 -4.37 -24.10
N ASN C 107 -3.91 -3.51 -23.13
CA ASN C 107 -4.71 -3.90 -21.98
C ASN C 107 -6.14 -3.40 -22.08
N GLN C 108 -6.55 -2.92 -23.25
CA GLN C 108 -7.94 -2.52 -23.50
C GLN C 108 -8.42 -1.47 -22.51
N LEU C 109 -7.54 -0.54 -22.17
CA LEU C 109 -7.91 0.53 -21.26
C LEU C 109 -8.55 1.68 -22.01
N ASP C 110 -9.16 2.60 -21.26
CA ASP C 110 -9.84 3.74 -21.84
C ASP C 110 -8.97 4.98 -21.97
N GLY C 111 -7.73 4.94 -21.52
CA GLY C 111 -6.86 6.10 -21.67
C GLY C 111 -5.85 6.17 -20.53
N VAL C 112 -5.33 7.39 -20.35
CA VAL C 112 -4.16 7.65 -19.50
C VAL C 112 -4.46 8.85 -18.62
N ASP C 113 -4.13 8.71 -17.34
CA ASP C 113 -4.03 9.83 -16.42
C ASP C 113 -2.58 10.15 -16.19
N ILE C 114 -2.20 11.41 -16.35
CA ILE C 114 -0.81 11.83 -16.21
C ILE C 114 -0.73 12.51 -14.85
N ASP C 115 -0.25 11.76 -13.85
CA ASP C 115 -0.17 12.26 -12.48
C ASP C 115 1.27 12.74 -12.28
N TYR C 116 1.52 13.94 -12.79
CA TYR C 116 2.87 14.51 -12.86
C TYR C 116 3.08 15.42 -11.66
N GLU C 117 4.11 15.14 -10.86
CA GLU C 117 4.31 15.88 -9.61
C GLU C 117 5.74 16.44 -9.47
N ASP C 118 6.48 16.53 -10.58
CA ASP C 118 7.88 16.97 -10.54
C ASP C 118 7.92 18.50 -10.51
N THR C 119 7.59 19.05 -9.33
CA THR C 119 7.45 20.50 -9.22
C THR C 119 8.72 21.24 -9.62
N ALA C 120 9.89 20.69 -9.29
CA ALA C 120 11.16 21.36 -9.58
C ALA C 120 11.36 21.61 -11.08
N ALA C 121 10.71 20.83 -11.93
CA ALA C 121 10.83 21.03 -13.37
C ALA C 121 10.08 22.26 -13.85
N PHE C 122 9.27 22.87 -13.00
CA PHE C 122 8.58 24.11 -13.35
C PHE C 122 9.34 25.33 -12.87
N THR C 123 10.40 25.15 -12.08
CA THR C 123 11.16 26.26 -11.49
C THR C 123 12.59 26.31 -11.98
N GLY C 124 12.90 25.66 -13.11
CA GLY C 124 14.25 25.66 -13.65
C GLY C 124 15.26 24.84 -12.88
N GLN C 125 14.82 23.92 -12.03
CA GLN C 125 15.70 23.20 -11.12
C GLN C 125 15.78 21.71 -11.37
N ALA C 126 15.20 21.20 -12.46
CA ALA C 126 15.25 19.76 -12.71
C ALA C 126 16.10 19.39 -13.91
N GLY C 127 16.69 20.36 -14.60
CA GLY C 127 17.45 20.02 -15.79
C GLY C 127 16.63 19.76 -17.01
N TYR C 128 15.31 19.96 -16.94
CA TYR C 128 14.47 19.91 -18.13
C TYR C 128 13.24 20.77 -17.87
N ASP C 129 12.61 21.23 -18.95
CA ASP C 129 11.44 22.10 -18.85
C ASP C 129 10.20 21.22 -18.68
N GLY C 130 9.60 21.25 -17.49
CA GLY C 130 8.48 20.38 -17.20
C GLY C 130 7.24 20.69 -18.03
N ALA C 131 6.94 21.98 -18.19
CA ALA C 131 5.79 22.35 -19.01
C ALA C 131 5.96 21.85 -20.44
N GLN C 132 7.14 22.06 -21.01
CA GLN C 132 7.39 21.60 -22.38
C GLN C 132 7.32 20.07 -22.45
N PHE C 133 7.75 19.38 -21.39
CA PHE C 133 7.64 17.93 -21.36
C PHE C 133 6.17 17.50 -21.44
N LEU C 134 5.32 18.12 -20.63
CA LEU C 134 3.90 17.76 -20.59
C LEU C 134 3.20 18.16 -21.88
N ILE C 135 3.60 19.30 -22.46
CA ILE C 135 3.04 19.70 -23.76
C ILE C 135 3.34 18.64 -24.80
N SER C 136 4.62 18.28 -24.95
CA SER C 136 5.01 17.31 -25.96
C SER C 136 4.38 15.95 -25.68
N LEU C 137 4.44 15.49 -24.43
CA LEU C 137 3.84 14.20 -24.10
C LEU C 137 2.36 14.17 -24.45
N THR C 138 1.62 15.23 -24.09
CA THR C 138 0.20 15.24 -24.37
C THR C 138 -0.05 15.22 -25.88
N GLN C 139 0.67 16.04 -26.63
CA GLN C 139 0.55 16.04 -28.09
C GLN C 139 0.81 14.66 -28.65
N GLU C 140 1.96 14.07 -28.31
CA GLU C 140 2.30 12.76 -28.85
C GLU C 140 1.29 11.71 -28.43
N LEU C 141 0.76 11.82 -27.22
CA LEU C 141 -0.19 10.84 -26.73
C LEU C 141 -1.53 10.97 -27.45
N ARG C 142 -2.03 12.17 -27.61
CA ARG C 142 -3.31 12.38 -28.27
C ARG C 142 -3.30 11.89 -29.70
N LYS C 143 -2.13 12.03 -30.29
CA LYS C 143 -1.83 11.56 -31.61
C LYS C 143 -2.21 10.07 -31.70
N ARG C 144 -1.70 9.32 -30.75
CA ARG C 144 -1.91 7.91 -30.68
C ARG C 144 -3.19 7.43 -30.03
N LEU C 145 -3.79 8.30 -29.25
CA LEU C 145 -5.00 7.98 -28.50
C LEU C 145 -6.02 9.08 -28.72
N PRO C 146 -6.72 9.06 -29.85
CA PRO C 146 -7.56 10.20 -30.24
C PRO C 146 -8.79 10.36 -29.35
N SER C 147 -9.29 11.59 -29.29
CA SER C 147 -10.58 11.87 -28.65
C SER C 147 -11.70 11.71 -29.68
N PRO C 148 -12.90 11.35 -29.21
CA PRO C 148 -13.26 11.06 -27.83
C PRO C 148 -13.11 9.58 -27.49
N ASP C 149 -12.50 8.81 -28.38
CA ASP C 149 -12.34 7.38 -28.14
C ASP C 149 -11.55 7.11 -26.86
N TYR C 150 -10.54 7.93 -26.60
CA TYR C 150 -9.69 7.75 -25.43
C TYR C 150 -9.68 9.00 -24.58
N ILE C 151 -9.44 8.80 -23.29
CA ILE C 151 -9.32 9.90 -22.35
C ILE C 151 -7.84 10.13 -22.06
N ILE C 152 -7.45 11.40 -21.99
CA ILE C 152 -6.19 11.79 -21.37
C ILE C 152 -6.50 12.82 -20.30
N SER C 153 -6.21 12.48 -19.05
CA SER C 153 -6.34 13.43 -17.96
C SER C 153 -4.97 13.74 -17.36
N HIS C 154 -4.89 14.86 -16.64
CA HIS C 154 -3.73 15.19 -15.80
C HIS C 154 -4.21 15.40 -14.37
N ALA C 155 -3.26 15.36 -13.42
CA ALA C 155 -3.58 15.48 -12.00
C ALA C 155 -2.75 16.56 -11.33
N PRO C 156 -2.88 17.81 -11.77
CA PRO C 156 -2.05 18.88 -11.22
C PRO C 156 -2.42 19.29 -9.80
N GLN C 157 -1.45 19.83 -9.11
CA GLN C 157 -1.71 20.46 -7.84
C GLN C 157 -2.00 21.94 -8.02
N PRO C 158 -2.65 22.58 -7.06
CA PRO C 158 -3.15 23.96 -7.27
C PRO C 158 -2.06 24.97 -7.63
N PRO C 159 -0.87 24.93 -7.00
CA PRO C 159 0.15 25.90 -7.42
C PRO C 159 0.49 25.83 -8.90
N TYR C 160 0.34 24.64 -9.50
CA TYR C 160 0.61 24.47 -10.93
C TYR C 160 -0.32 25.30 -11.81
N LEU C 161 -1.45 25.74 -11.27
CA LEU C 161 -2.51 26.35 -12.06
C LEU C 161 -2.70 27.83 -11.72
N GLU C 162 -1.84 28.39 -10.88
CA GLU C 162 -2.00 29.75 -10.38
C GLU C 162 -1.41 30.74 -11.37
N GLN C 163 -2.29 31.53 -12.01
CA GLN C 163 -1.83 32.51 -12.99
C GLN C 163 -0.74 33.40 -12.40
N GLY C 164 0.39 33.45 -13.04
CA GLY C 164 1.49 34.25 -12.55
C GLY C 164 2.34 33.63 -11.48
N GLY C 165 1.94 32.48 -11.00
CA GLY C 165 2.66 31.78 -9.97
C GLY C 165 3.98 31.24 -10.47
N TYR C 166 4.88 31.17 -9.56
CA TYR C 166 6.21 30.71 -9.79
C TYR C 166 6.34 29.25 -10.23
N MET C 167 5.42 28.40 -9.83
CA MET C 167 5.47 27.01 -10.17
C MET C 167 4.29 26.67 -11.07
N ALA C 168 3.71 27.65 -11.70
CA ALA C 168 2.48 27.46 -12.45
C ALA C 168 2.69 26.84 -13.82
N GLY C 169 3.41 25.72 -13.86
CA GLY C 169 3.69 25.09 -15.14
C GLY C 169 2.45 24.72 -15.92
N TYR C 170 1.36 24.34 -15.23
CA TYR C 170 0.19 23.91 -15.99
C TYR C 170 -0.55 25.06 -16.65
N VAL C 171 -0.27 26.31 -16.30
CA VAL C 171 -0.85 27.42 -17.05
C VAL C 171 -0.37 27.37 -18.50
N GLU C 172 0.94 27.19 -18.70
CA GLU C 172 1.43 27.05 -20.07
C GLU C 172 0.90 25.77 -20.71
N VAL C 173 0.78 24.69 -19.93
CA VAL C 173 0.30 23.43 -20.49
C VAL C 173 -1.11 23.59 -21.05
N VAL C 174 -2.03 24.16 -20.28
CA VAL C 174 -3.40 24.25 -20.78
C VAL C 174 -3.50 25.30 -21.89
N GLU C 175 -2.65 26.32 -21.85
CA GLU C 175 -2.67 27.30 -22.92
C GLU C 175 -2.29 26.68 -24.27
N LEU C 176 -1.40 25.69 -24.26
CA LEU C 176 -0.89 25.10 -25.49
C LEU C 176 -1.59 23.81 -25.88
N VAL C 177 -2.04 22.99 -24.92
CA VAL C 177 -2.62 21.69 -25.27
C VAL C 177 -3.88 21.41 -24.45
N GLY C 178 -4.39 22.41 -23.75
CA GLY C 178 -5.59 22.21 -22.96
C GLY C 178 -6.75 21.69 -23.78
N GLN C 179 -6.80 22.06 -25.07
CA GLN C 179 -7.86 21.56 -25.93
C GLN C 179 -7.75 20.05 -26.16
N GLU C 180 -6.61 19.44 -25.86
CA GLU C 180 -6.41 18.00 -26.04
C GLU C 180 -6.52 17.21 -24.74
N ILE C 181 -6.78 17.88 -23.63
CA ILE C 181 -6.88 17.24 -22.32
C ILE C 181 -8.35 17.19 -21.94
N ASP C 182 -8.82 16.01 -21.52
CA ASP C 182 -10.24 15.86 -21.22
C ASP C 182 -10.64 16.49 -19.89
N TRP C 183 -9.80 16.36 -18.87
CA TRP C 183 -10.04 17.07 -17.62
C TRP C 183 -8.77 17.01 -16.78
N LEU C 184 -8.75 17.85 -15.75
CA LEU C 184 -7.69 17.89 -14.74
C LEU C 184 -8.24 17.41 -13.41
N ASN C 185 -7.58 16.41 -12.82
CA ASN C 185 -7.88 15.96 -11.45
C ASN C 185 -7.07 16.84 -10.51
N VAL C 186 -7.66 17.95 -10.05
CA VAL C 186 -6.93 18.91 -9.23
C VAL C 186 -6.80 18.36 -7.81
N GLN C 187 -5.56 18.27 -7.31
CA GLN C 187 -5.29 17.69 -5.99
C GLN C 187 -5.40 18.78 -4.92
N PHE C 188 -6.58 18.96 -4.35
CA PHE C 188 -6.75 19.99 -3.32
C PHE C 188 -6.33 19.46 -1.96
N TYR C 189 -5.09 18.97 -1.85
CA TYR C 189 -4.56 18.42 -0.62
C TYR C 189 -3.04 18.46 -0.72
N ASN C 190 -2.39 18.33 0.44
CA ASN C 190 -0.92 18.44 0.54
C ASN C 190 -0.42 19.78 0.02
N ASN C 191 -1.27 20.80 0.08
CA ASN C 191 -0.96 22.09 -0.55
C ASN C 191 -1.65 23.20 0.22
N PRO C 192 -0.96 23.78 1.21
CA PRO C 192 -1.42 25.06 1.77
C PRO C 192 -1.30 26.15 0.72
N PRO C 193 -2.18 27.14 0.77
CA PRO C 193 -3.26 27.29 1.75
C PRO C 193 -4.57 26.67 1.30
N TRP C 194 -4.55 25.84 0.26
CA TRP C 194 -5.79 25.20 -0.18
C TRP C 194 -6.24 24.13 0.80
N SER C 195 -5.31 23.33 1.32
CA SER C 195 -5.64 22.18 2.16
C SER C 195 -6.66 22.55 3.22
N ALA C 196 -7.80 21.87 3.19
CA ALA C 196 -8.83 21.99 4.24
C ALA C 196 -9.35 23.42 4.40
N ASN C 197 -9.31 24.22 3.32
CA ASN C 197 -9.76 25.61 3.31
C ASN C 197 -10.83 25.74 2.22
N PRO C 198 -12.09 25.44 2.54
CA PRO C 198 -13.12 25.38 1.49
C PRO C 198 -13.31 26.66 0.71
N ASP C 199 -13.30 27.84 1.35
CA ASP C 199 -13.48 29.06 0.59
C ASP C 199 -12.38 29.24 -0.45
N GLN C 200 -11.13 28.95 -0.08
CA GLN C 200 -10.02 29.04 -1.03
C GLN C 200 -10.16 28.00 -2.14
N ILE C 201 -10.60 26.78 -1.80
CA ILE C 201 -10.76 25.74 -2.82
C ILE C 201 -11.82 26.16 -3.83
N VAL C 202 -12.94 26.70 -3.36
CA VAL C 202 -14.01 27.10 -4.26
C VAL C 202 -13.54 28.22 -5.18
N SER C 203 -12.96 29.29 -4.62
CA SER C 203 -12.57 30.40 -5.47
C SER C 203 -11.50 29.98 -6.46
N SER C 204 -10.55 29.13 -6.03
CA SER C 204 -9.51 28.68 -6.95
C SER C 204 -10.08 27.74 -8.01
N TYR C 205 -10.96 26.81 -7.61
CA TYR C 205 -11.65 25.97 -8.58
C TYR C 205 -12.27 26.82 -9.67
N LEU C 206 -13.05 27.83 -9.28
CA LEU C 206 -13.70 28.69 -10.25
C LEU C 206 -12.67 29.39 -11.15
N ASN C 207 -11.57 29.87 -10.59
CA ASN C 207 -10.49 30.43 -11.42
C ASN C 207 -10.00 29.42 -12.44
N TYR C 208 -9.80 28.17 -12.03
CA TYR C 208 -9.24 27.18 -12.94
C TYR C 208 -10.18 26.86 -14.09
N THR C 209 -11.50 26.90 -13.84
CA THR C 209 -12.47 26.68 -14.92
C THR C 209 -12.42 27.78 -15.97
N LYS C 210 -11.87 28.94 -15.62
CA LYS C 210 -11.76 30.06 -16.54
C LYS C 210 -10.37 30.21 -17.13
N LEU C 211 -9.47 29.24 -16.90
CA LEU C 211 -8.19 29.25 -17.59
C LEU C 211 -8.40 29.06 -19.09
N PRO C 212 -7.47 29.50 -19.92
CA PRO C 212 -7.60 29.26 -21.37
C PRO C 212 -7.76 27.77 -21.67
N ASN C 213 -8.71 27.46 -22.55
CA ASN C 213 -9.04 26.11 -23.01
C ASN C 213 -9.69 25.27 -21.91
N MET C 214 -10.00 25.86 -20.77
CA MET C 214 -10.65 25.09 -19.71
C MET C 214 -12.12 25.44 -19.62
N SER C 215 -12.82 24.63 -18.84
CA SER C 215 -14.24 24.79 -18.59
C SER C 215 -14.54 24.06 -17.29
N PRO C 216 -15.71 24.27 -16.70
CA PRO C 216 -16.07 23.49 -15.51
C PRO C 216 -16.01 21.99 -15.76
N GLU C 217 -16.45 21.56 -16.94
CA GLU C 217 -16.45 20.13 -17.25
C GLU C 217 -15.05 19.55 -17.21
N LYS C 218 -14.03 20.36 -17.47
CA LYS C 218 -12.65 19.90 -17.54
C LYS C 218 -11.89 20.05 -16.23
N VAL C 219 -12.52 20.48 -15.15
CA VAL C 219 -11.83 20.64 -13.86
C VAL C 219 -12.54 19.80 -12.80
N ILE C 220 -11.83 18.83 -12.25
CA ILE C 220 -12.32 17.92 -11.21
C ILE C 220 -11.65 18.29 -9.90
N ALA C 221 -12.44 18.46 -8.84
CA ALA C 221 -11.88 18.78 -7.52
C ALA C 221 -11.59 17.49 -6.76
N GLY C 222 -10.33 17.27 -6.38
CA GLY C 222 -9.92 16.04 -5.71
C GLY C 222 -9.62 16.23 -4.23
N PHE C 223 -9.95 15.20 -3.44
CA PHE C 223 -9.84 15.23 -1.99
C PHE C 223 -9.35 13.90 -1.43
N PRO C 224 -8.71 13.92 -0.26
CA PRO C 224 -8.42 12.67 0.45
C PRO C 224 -9.68 12.12 1.11
N VAL C 225 -9.82 10.80 1.14
CA VAL C 225 -10.96 10.23 1.78
C VAL C 225 -10.93 10.38 3.28
N THR C 226 -9.82 10.03 3.87
CA THR C 226 -9.70 10.02 5.33
C THR C 226 -8.48 10.83 5.77
N GLN C 227 -8.37 10.97 7.08
CA GLN C 227 -7.25 11.68 7.69
C GLN C 227 -5.90 11.07 7.33
N ASN C 228 -5.88 9.80 7.05
CA ASN C 228 -4.64 9.10 6.76
C ASN C 228 -4.21 9.17 5.31
N ASP C 229 -5.02 9.77 4.43
CA ASP C 229 -4.77 9.68 2.99
C ASP C 229 -3.91 10.82 2.45
N ALA C 230 -3.69 11.88 3.23
CA ALA C 230 -2.80 12.94 2.81
C ALA C 230 -2.20 13.60 4.04
N GLY C 231 -1.00 14.17 3.88
CA GLY C 231 -0.38 14.89 4.97
C GLY C 231 -1.19 16.10 5.42
N SER C 232 -1.84 16.78 4.48
CA SER C 232 -2.78 17.84 4.81
C SER C 232 -3.89 17.86 3.78
N GLY C 233 -5.03 18.45 4.17
CA GLY C 233 -6.15 18.61 3.27
C GLY C 233 -7.38 17.78 3.58
N TYR C 234 -7.31 16.84 4.50
CA TYR C 234 -8.51 16.08 4.85
C TYR C 234 -9.60 17.00 5.38
N MET C 235 -10.81 16.81 4.87
CA MET C 235 -12.02 17.46 5.37
C MET C 235 -13.12 16.42 5.49
N PRO C 236 -13.92 16.49 6.56
CA PRO C 236 -15.09 15.61 6.66
C PRO C 236 -15.98 15.75 5.43
N VAL C 237 -16.61 14.63 5.05
CA VAL C 237 -17.42 14.67 3.84
C VAL C 237 -18.57 15.69 3.97
N GLN C 238 -19.08 15.92 5.18
CA GLN C 238 -20.13 16.93 5.31
C GLN C 238 -19.60 18.30 4.93
N THR C 239 -18.30 18.55 5.16
CA THR C 239 -17.72 19.84 4.84
C THR C 239 -17.44 19.96 3.34
N ILE C 240 -16.95 18.87 2.73
CA ILE C 240 -16.84 18.85 1.27
C ILE C 240 -18.18 19.17 0.63
N ILE C 241 -19.25 18.51 1.10
CA ILE C 241 -20.55 18.70 0.46
C ILE C 241 -21.03 20.12 0.62
N ASN C 242 -21.03 20.62 1.85
CA ASN C 242 -21.72 21.87 2.10
C ASN C 242 -20.84 23.10 1.92
N GLU C 243 -19.52 22.96 1.98
CA GLU C 243 -18.65 24.12 1.83
C GLU C 243 -17.82 24.11 0.55
N VAL C 244 -17.88 23.04 -0.25
CA VAL C 244 -17.21 23.04 -1.54
C VAL C 244 -18.20 22.73 -2.66
N ILE C 245 -18.84 21.56 -2.61
CA ILE C 245 -19.67 21.11 -3.73
C ILE C 245 -20.84 22.07 -3.95
N LYS C 246 -21.67 22.26 -2.94
CA LYS C 246 -22.82 23.13 -3.12
C LYS C 246 -22.44 24.56 -3.48
N PRO C 247 -21.46 25.20 -2.82
CA PRO C 247 -21.05 26.55 -3.29
C PRO C 247 -20.59 26.60 -4.74
N ILE C 248 -19.90 25.56 -5.22
CA ILE C 248 -19.51 25.57 -6.62
C ILE C 248 -20.75 25.46 -7.50
N GLN C 249 -21.65 24.52 -7.16
CA GLN C 249 -22.87 24.34 -7.94
C GLN C 249 -23.69 25.62 -8.00
N GLN C 250 -23.61 26.44 -6.95
CA GLN C 250 -24.43 27.65 -6.89
C GLN C 250 -23.89 28.74 -7.82
N GLN C 251 -22.58 28.75 -8.08
CA GLN C 251 -21.97 29.78 -8.93
C GLN C 251 -21.74 29.31 -10.35
N SER C 252 -21.44 28.04 -10.57
CA SER C 252 -21.14 27.55 -11.90
C SER C 252 -21.61 26.12 -11.99
N SER C 253 -21.01 25.29 -12.80
CA SER C 253 -21.25 23.85 -12.71
C SER C 253 -19.97 23.22 -12.19
N LEU C 254 -20.07 21.94 -11.80
CA LEU C 254 -18.97 21.24 -11.15
C LEU C 254 -18.56 20.07 -12.02
N GLY C 255 -17.33 20.11 -12.53
CA GLY C 255 -16.86 19.06 -13.41
C GLY C 255 -16.90 17.70 -12.75
N GLY C 256 -16.58 17.65 -11.47
CA GLY C 256 -16.63 16.38 -10.76
C GLY C 256 -15.80 16.41 -9.50
N ILE C 257 -15.77 15.25 -8.85
CA ILE C 257 -15.07 15.03 -7.59
C ILE C 257 -14.18 13.80 -7.75
N MET C 258 -12.91 13.95 -7.38
CA MET C 258 -11.92 12.88 -7.41
C MET C 258 -11.52 12.56 -5.97
N ASN C 259 -11.16 11.32 -5.68
CA ASN C 259 -10.67 11.03 -4.34
C ASN C 259 -9.37 10.24 -4.40
N TRP C 260 -8.57 10.43 -3.37
CA TRP C 260 -7.41 9.60 -3.09
C TRP C 260 -7.69 8.97 -1.73
N GLN C 261 -7.93 7.66 -1.64
CA GLN C 261 -7.96 6.70 -2.73
C GLN C 261 -9.03 5.63 -2.46
N PHE C 262 -9.31 4.81 -3.47
CA PHE C 262 -10.46 3.89 -3.41
C PHE C 262 -10.46 3.03 -2.16
N SER C 263 -9.36 2.34 -1.88
CA SER C 263 -9.39 1.37 -0.80
C SER C 263 -9.50 2.00 0.59
N SER C 264 -9.43 3.33 0.68
CA SER C 264 -9.61 4.01 1.95
C SER C 264 -11.08 4.26 2.28
N ASP C 265 -12.00 4.04 1.33
CA ASP C 265 -13.42 4.33 1.49
C ASP C 265 -14.17 3.06 1.92
N HIS C 266 -14.43 2.94 3.20
CA HIS C 266 -15.14 1.79 3.72
C HIS C 266 -16.55 1.60 3.16
N ASN C 267 -16.74 0.43 2.56
CA ASN C 267 -18.02 0.06 1.96
C ASN C 267 -18.49 1.05 0.90
N GLY C 268 -17.58 1.89 0.40
CA GLY C 268 -18.00 2.89 -0.56
C GLY C 268 -18.93 3.94 0.02
N ASP C 269 -18.93 4.13 1.33
CA ASP C 269 -19.85 5.09 1.94
C ASP C 269 -19.56 6.51 1.49
N TRP C 270 -18.27 6.87 1.41
CA TRP C 270 -17.89 8.22 1.02
C TRP C 270 -18.36 8.53 -0.39
N ILE C 271 -18.07 7.65 -1.33
CA ILE C 271 -18.51 7.91 -2.70
C ILE C 271 -20.03 7.93 -2.85
N LYS C 272 -20.72 7.07 -2.13
CA LYS C 272 -22.17 7.11 -2.21
C LYS C 272 -22.70 8.47 -1.71
N ALA C 273 -22.17 8.93 -0.58
CA ALA C 273 -22.53 10.21 -0.02
C ALA C 273 -22.26 11.37 -0.99
N ILE C 274 -21.08 11.34 -1.57
CA ILE C 274 -20.66 12.34 -2.49
C ILE C 274 -21.47 12.31 -3.78
N ALA C 275 -21.63 11.12 -4.30
CA ALA C 275 -22.41 10.95 -5.48
C ALA C 275 -23.81 11.44 -5.26
N GLN C 276 -24.36 11.28 -4.08
CA GLN C 276 -25.74 11.76 -3.87
C GLN C 276 -25.86 13.28 -3.93
N SER C 277 -24.75 13.96 -3.74
CA SER C 277 -24.74 15.40 -3.79
C SER C 277 -24.51 16.00 -5.15
N LEU C 278 -24.18 15.19 -6.13
CA LEU C 278 -23.92 15.68 -7.46
C LEU C 278 -25.13 15.50 -8.36
N SER D 2 -12.92 -34.06 0.84
CA SER D 2 -14.15 -34.17 0.06
C SER D 2 -15.34 -34.27 1.00
N LYS D 3 -16.35 -33.46 0.74
CA LYS D 3 -17.59 -33.47 1.52
C LYS D 3 -18.69 -34.21 0.75
N THR D 4 -19.57 -34.88 1.49
CA THR D 4 -20.73 -35.53 0.90
C THR D 4 -21.97 -34.76 1.33
N ILE D 5 -22.82 -34.41 0.35
CA ILE D 5 -23.96 -33.52 0.57
C ILE D 5 -25.19 -34.15 -0.08
N THR D 6 -26.34 -34.03 0.58
CA THR D 6 -27.58 -34.47 -0.03
C THR D 6 -28.66 -33.44 0.25
N TYR D 7 -29.67 -33.43 -0.61
CA TYR D 7 -30.89 -32.65 -0.38
C TYR D 7 -31.98 -33.59 0.14
N TYR D 8 -32.68 -33.15 1.18
CA TYR D 8 -33.82 -33.88 1.71
C TYR D 8 -35.08 -33.12 1.32
N ASN D 9 -35.85 -33.68 0.38
CA ASN D 9 -37.12 -33.08 -0.02
C ASN D 9 -38.23 -34.11 0.12
N SER D 10 -38.25 -35.15 -0.70
CA SER D 10 -39.18 -36.26 -0.49
C SER D 10 -38.97 -36.90 0.88
N GLY D 11 -40.06 -37.29 1.52
CA GLY D 11 -39.98 -37.92 2.81
C GLY D 11 -40.06 -39.44 2.79
N ALA D 12 -39.87 -40.05 1.61
CA ALA D 12 -40.05 -41.50 1.51
C ALA D 12 -39.16 -42.24 2.49
N VAL D 13 -37.98 -41.72 2.76
CA VAL D 13 -37.09 -42.25 3.78
C VAL D 13 -37.09 -41.28 4.95
N PRO D 14 -37.22 -41.75 6.19
CA PRO D 14 -37.22 -40.82 7.33
C PRO D 14 -35.91 -40.05 7.42
N LEU D 15 -36.02 -38.76 7.77
CA LEU D 15 -34.85 -37.91 7.78
C LEU D 15 -33.79 -38.42 8.75
N ILE D 16 -34.21 -38.93 9.91
CA ILE D 16 -33.23 -39.38 10.89
C ILE D 16 -32.30 -40.47 10.34
N ASN D 17 -32.72 -41.17 9.29
CA ASN D 17 -31.84 -42.18 8.71
C ASN D 17 -30.54 -41.57 8.20
N ALA D 18 -30.54 -40.27 7.88
CA ALA D 18 -29.31 -39.67 7.37
C ALA D 18 -28.22 -39.66 8.43
N SER D 19 -28.60 -39.64 9.71
CA SER D 19 -27.63 -39.62 10.80
C SER D 19 -26.81 -40.89 10.87
N GLU D 20 -27.20 -41.95 10.15
CA GLU D 20 -26.45 -43.21 10.14
C GLU D 20 -25.68 -43.42 8.85
N LEU D 21 -25.57 -42.41 8.00
CA LEU D 21 -24.96 -42.55 6.70
C LEU D 21 -23.84 -41.54 6.53
N PRO D 22 -22.90 -41.81 5.67
CA PRO D 22 -21.67 -40.98 5.61
C PRO D 22 -21.88 -39.69 4.85
N TYR D 23 -22.80 -38.86 5.36
CA TYR D 23 -23.03 -37.51 4.87
C TYR D 23 -22.35 -36.49 5.79
N ASP D 24 -21.76 -35.47 5.17
CA ASP D 24 -21.25 -34.34 5.93
C ASP D 24 -22.28 -33.23 6.08
N VAL D 25 -23.13 -33.05 5.08
CA VAL D 25 -24.09 -31.94 5.05
C VAL D 25 -25.40 -32.46 4.51
N VAL D 26 -26.51 -32.05 5.16
CA VAL D 26 -27.85 -32.36 4.68
C VAL D 26 -28.59 -31.05 4.49
N ASN D 27 -29.09 -30.81 3.28
CA ASN D 27 -29.84 -29.60 2.95
C ASN D 27 -31.34 -29.90 3.01
N LEU D 28 -32.05 -29.26 3.91
CA LEU D 28 -33.49 -29.47 3.98
C LEU D 28 -34.18 -28.59 2.95
N ALA D 29 -34.99 -29.23 2.09
CA ALA D 29 -35.51 -28.58 0.88
C ALA D 29 -37.04 -28.55 0.92
N PHE D 30 -37.69 -27.38 0.87
CA PHE D 30 -37.11 -26.04 0.75
C PHE D 30 -37.88 -25.07 1.65
N LEU D 31 -37.24 -23.94 1.95
CA LEU D 31 -37.92 -22.73 2.38
C LEU D 31 -38.08 -21.87 1.13
N SER D 32 -39.26 -21.32 0.91
CA SER D 32 -39.50 -20.48 -0.23
C SER D 32 -40.65 -19.50 0.08
N SER D 33 -41.07 -18.76 -0.92
CA SER D 33 -42.21 -17.89 -0.81
C SER D 33 -43.02 -17.93 -2.08
N PRO D 38 -44.55 -12.64 -0.55
CA PRO D 38 -43.20 -13.14 -0.89
C PRO D 38 -42.21 -13.01 0.25
N PHE D 39 -42.50 -12.22 1.25
CA PHE D 39 -41.59 -12.09 2.36
C PHE D 39 -41.88 -13.07 3.46
N ASN D 40 -42.98 -13.78 3.32
CA ASN D 40 -43.37 -14.81 4.28
C ASN D 40 -42.74 -16.11 3.82
N LEU D 41 -41.65 -16.50 4.48
CA LEU D 41 -40.92 -17.68 4.06
C LEU D 41 -41.59 -18.93 4.62
N VAL D 42 -41.90 -19.88 3.74
CA VAL D 42 -42.75 -20.99 4.14
C VAL D 42 -42.10 -22.32 3.77
N LEU D 43 -42.45 -23.35 4.54
CA LEU D 43 -42.07 -24.74 4.31
C LEU D 43 -43.19 -25.49 3.62
N SER D 44 -42.84 -26.58 2.95
CA SER D 44 -43.85 -27.41 2.26
C SER D 44 -43.30 -28.81 2.09
N GLY D 45 -44.00 -29.80 2.62
CA GLY D 45 -43.58 -31.17 2.42
C GLY D 45 -43.52 -31.93 3.72
N ALA D 46 -42.76 -33.04 3.70
CA ALA D 46 -42.74 -33.97 4.82
C ALA D 46 -42.17 -33.34 6.09
N ILE D 47 -41.17 -32.47 5.97
CA ILE D 47 -40.58 -31.86 7.17
C ILE D 47 -41.45 -30.79 7.79
N ALA D 48 -42.57 -30.44 7.18
CA ALA D 48 -43.35 -29.27 7.60
C ALA D 48 -44.52 -29.69 8.48
N ALA D 49 -44.53 -29.19 9.73
CA ALA D 49 -45.74 -29.34 10.54
C ALA D 49 -46.78 -28.32 10.13
N THR D 50 -46.36 -27.08 9.96
CA THR D 50 -47.14 -25.99 9.39
C THR D 50 -46.26 -25.29 8.36
N GLU D 51 -46.81 -24.25 7.73
CA GLU D 51 -45.99 -23.48 6.80
C GLU D 51 -44.78 -22.85 7.47
N SER D 52 -44.77 -22.73 8.80
CA SER D 52 -43.71 -22.00 9.48
C SER D 52 -42.91 -22.84 10.47
N SER D 53 -43.18 -24.14 10.59
CA SER D 53 -42.56 -24.93 11.64
C SER D 53 -42.20 -26.33 11.14
N PHE D 54 -41.09 -26.85 11.65
CA PHE D 54 -40.70 -28.23 11.41
C PHE D 54 -41.53 -29.17 12.25
N THR D 55 -41.72 -30.39 11.75
CA THR D 55 -42.38 -31.42 12.55
C THR D 55 -41.48 -31.82 13.72
N THR D 56 -42.10 -32.45 14.71
CA THR D 56 -41.36 -32.85 15.91
C THR D 56 -40.25 -33.84 15.56
N ASN D 57 -40.54 -34.79 14.66
CA ASN D 57 -39.51 -35.76 14.27
C ASN D 57 -38.37 -35.08 13.52
N THR D 58 -38.69 -34.05 12.71
CA THR D 58 -37.65 -33.31 12.00
C THR D 58 -36.74 -32.59 12.99
N ILE D 59 -37.35 -31.90 13.95
CA ILE D 59 -36.59 -31.22 14.99
C ILE D 59 -35.63 -32.18 15.68
N GLU D 60 -36.14 -33.34 16.08
CA GLU D 60 -35.29 -34.34 16.73
C GLU D 60 -34.21 -34.87 15.77
N ALA D 61 -34.59 -35.16 14.52
CA ALA D 61 -33.61 -35.68 13.57
C ALA D 61 -32.45 -34.71 13.38
N ILE D 62 -32.70 -33.43 13.29
CA ILE D 62 -31.64 -32.45 13.11
C ILE D 62 -30.66 -32.51 14.28
N LYS D 63 -31.27 -32.60 15.45
CA LYS D 63 -30.50 -32.67 16.64
C LYS D 63 -29.58 -33.88 16.60
N VAL D 64 -30.14 -34.99 16.19
CA VAL D 64 -29.39 -36.21 16.16
C VAL D 64 -28.26 -36.11 15.16
N MET D 65 -28.56 -35.66 13.96
CA MET D 65 -27.58 -35.45 12.94
C MET D 65 -26.47 -34.52 13.42
N GLN D 66 -26.84 -33.41 14.05
CA GLN D 66 -25.81 -32.49 14.51
C GLN D 66 -24.95 -33.14 15.59
N HIS D 67 -25.57 -33.99 16.38
CA HIS D 67 -24.85 -34.69 17.43
C HIS D 67 -23.79 -35.59 16.80
N LYS D 68 -24.11 -36.12 15.63
CA LYS D 68 -23.23 -36.95 14.92
C LYS D 68 -22.16 -36.17 14.14
N GLY D 69 -22.13 -34.86 14.28
CA GLY D 69 -21.19 -34.02 13.58
C GLY D 69 -21.59 -33.62 12.18
N GLN D 70 -22.80 -33.95 11.74
CA GLN D 70 -23.25 -33.52 10.43
C GLN D 70 -23.76 -32.07 10.50
N LYS D 71 -23.69 -31.38 9.37
CA LYS D 71 -24.20 -30.02 9.25
C LYS D 71 -25.57 -30.08 8.56
N VAL D 72 -26.55 -29.37 9.12
CA VAL D 72 -27.90 -29.35 8.58
C VAL D 72 -28.20 -27.92 8.16
N LEU D 73 -28.47 -27.73 6.87
CA LEU D 73 -28.82 -26.41 6.36
C LEU D 73 -30.29 -26.37 5.97
N ILE D 74 -30.83 -25.16 5.85
CA ILE D 74 -32.10 -24.95 5.19
C ILE D 74 -31.79 -24.45 3.79
N SER D 75 -32.38 -25.07 2.78
CA SER D 75 -32.18 -24.67 1.39
C SER D 75 -33.31 -23.73 0.98
N PHE D 76 -32.95 -22.51 0.60
CA PHE D 76 -33.90 -21.49 0.21
C PHE D 76 -33.97 -21.41 -1.31
N GLY D 77 -35.18 -21.48 -1.85
CA GLY D 77 -35.38 -21.44 -3.28
C GLY D 77 -36.01 -22.72 -3.82
N GLY D 78 -35.29 -23.40 -4.70
CA GLY D 78 -35.77 -24.60 -5.36
C GLY D 78 -36.36 -24.30 -6.73
N GLY D 79 -36.57 -25.37 -7.49
CA GLY D 79 -36.92 -25.21 -8.90
C GLY D 79 -38.28 -24.60 -9.12
N THR D 80 -39.21 -24.78 -8.19
CA THR D 80 -40.57 -24.30 -8.40
C THR D 80 -40.83 -22.93 -7.82
N MET D 81 -39.84 -22.26 -7.24
CA MET D 81 -40.06 -20.92 -6.74
C MET D 81 -40.13 -19.94 -7.90
N GLY D 82 -41.09 -19.01 -7.83
CA GLY D 82 -41.40 -18.17 -8.97
C GLY D 82 -40.53 -16.94 -9.06
N SER D 83 -40.26 -16.53 -10.30
CA SER D 83 -39.53 -15.29 -10.54
C SER D 83 -40.27 -14.11 -9.94
N ASN D 84 -41.60 -14.17 -9.90
CA ASN D 84 -42.40 -13.11 -9.29
C ASN D 84 -41.93 -12.82 -7.86
N ALA D 85 -41.86 -13.87 -7.04
CA ALA D 85 -41.43 -13.70 -5.64
C ALA D 85 -40.00 -13.17 -5.56
N TYR D 86 -39.08 -13.74 -6.34
CA TYR D 86 -37.70 -13.23 -6.33
C TYR D 86 -37.65 -11.74 -6.65
N ARG D 87 -38.43 -11.30 -7.59
CA ARG D 87 -38.37 -9.93 -7.93
C ARG D 87 -38.76 -9.04 -6.75
N SER D 88 -39.85 -9.37 -6.12
CA SER D 88 -40.25 -8.63 -4.93
C SER D 88 -39.13 -8.66 -3.89
N LEU D 89 -38.54 -9.84 -3.66
CA LEU D 89 -37.48 -9.97 -2.67
C LEU D 89 -36.26 -9.11 -3.03
N SER D 90 -35.97 -8.97 -4.32
CA SER D 90 -34.79 -8.23 -4.75
C SER D 90 -34.86 -6.76 -4.38
N GLU D 91 -36.05 -6.25 -4.06
CA GLU D 91 -36.19 -4.85 -3.67
C GLU D 91 -35.86 -4.61 -2.21
N ASP D 92 -35.67 -5.67 -1.42
CA ASP D 92 -35.37 -5.54 0.00
C ASP D 92 -34.66 -6.81 0.47
N THR D 93 -33.41 -7.00 0.05
CA THR D 93 -32.70 -8.22 0.40
C THR D 93 -32.34 -8.29 1.88
N ALA D 94 -32.27 -7.15 2.57
CA ALA D 94 -31.95 -7.20 4.00
C ALA D 94 -33.08 -7.84 4.80
N LYS D 95 -34.33 -7.49 4.48
CA LYS D 95 -35.47 -8.13 5.11
C LYS D 95 -35.45 -9.65 4.88
N LEU D 96 -35.18 -10.06 3.64
CA LEU D 96 -35.06 -11.49 3.34
C LEU D 96 -33.95 -12.12 4.17
N ALA D 97 -32.77 -11.49 4.17
CA ALA D 97 -31.66 -12.01 4.95
C ALA D 97 -32.02 -12.06 6.44
N ASP D 98 -32.67 -11.03 6.96
CA ASP D 98 -33.18 -11.08 8.33
C ASP D 98 -34.05 -12.31 8.54
N SER D 99 -34.95 -12.59 7.60
CA SER D 99 -35.85 -13.72 7.78
C SER D 99 -35.09 -15.04 7.69
N LEU D 100 -34.17 -15.15 6.73
CA LEU D 100 -33.37 -16.37 6.60
C LEU D 100 -32.52 -16.61 7.84
N ALA D 101 -31.91 -15.56 8.36
CA ALA D 101 -30.99 -15.71 9.49
C ALA D 101 -31.77 -16.06 10.76
N SER D 102 -32.93 -15.43 10.96
CA SER D 102 -33.76 -15.79 12.11
C SER D 102 -34.22 -17.25 12.03
N PHE D 103 -34.59 -17.71 10.83
CA PHE D 103 -35.02 -19.10 10.69
C PHE D 103 -33.88 -20.04 11.05
N VAL D 104 -32.66 -19.73 10.62
CA VAL D 104 -31.52 -20.58 10.96
C VAL D 104 -31.29 -20.60 12.46
N LYS D 105 -31.21 -19.42 13.08
CA LYS D 105 -30.91 -19.37 14.51
C LYS D 105 -32.04 -19.96 15.36
N ASN D 106 -33.29 -19.63 15.02
CA ASN D 106 -34.40 -20.11 15.82
C ASN D 106 -34.55 -21.61 15.76
N ASN D 107 -34.12 -22.23 14.66
CA ASN D 107 -34.20 -23.68 14.51
C ASN D 107 -32.85 -24.36 14.71
N GLN D 108 -31.85 -23.60 15.18
CA GLN D 108 -30.53 -24.15 15.54
C GLN D 108 -29.90 -24.87 14.35
N LEU D 109 -30.04 -24.30 13.17
CA LEU D 109 -29.45 -24.88 11.98
C LEU D 109 -28.02 -24.37 11.81
N ASP D 110 -27.30 -25.01 10.88
CA ASP D 110 -25.91 -24.69 10.64
C ASP D 110 -25.71 -23.69 9.50
N GLY D 111 -26.78 -23.25 8.85
CA GLY D 111 -26.62 -22.27 7.79
C GLY D 111 -27.68 -22.45 6.71
N VAL D 112 -27.38 -21.90 5.54
CA VAL D 112 -28.34 -21.73 4.45
C VAL D 112 -27.70 -22.19 3.15
N ASP D 113 -28.44 -22.97 2.38
CA ASP D 113 -28.14 -23.25 0.99
C ASP D 113 -29.07 -22.43 0.11
N ILE D 114 -28.51 -21.68 -0.82
CA ILE D 114 -29.28 -20.81 -1.69
C ILE D 114 -29.40 -21.55 -3.01
N ASP D 115 -30.54 -22.21 -3.22
CA ASP D 115 -30.75 -23.00 -4.42
C ASP D 115 -31.53 -22.13 -5.39
N TYR D 116 -30.81 -21.26 -6.07
CA TYR D 116 -31.38 -20.22 -6.92
C TYR D 116 -31.36 -20.68 -8.38
N GLU D 117 -32.54 -20.74 -9.01
CA GLU D 117 -32.65 -21.29 -10.36
C GLU D 117 -33.42 -20.37 -11.31
N ASP D 118 -33.47 -19.07 -11.02
CA ASP D 118 -34.20 -18.12 -11.85
C ASP D 118 -33.30 -17.65 -13.00
N THR D 119 -33.13 -18.55 -13.97
CA THR D 119 -32.19 -18.29 -15.06
C THR D 119 -32.50 -16.98 -15.80
N ALA D 120 -33.79 -16.65 -15.93
CA ALA D 120 -34.18 -15.46 -16.70
C ALA D 120 -33.65 -14.17 -16.09
N ALA D 121 -33.34 -14.19 -14.80
CA ALA D 121 -32.82 -12.99 -14.15
C ALA D 121 -31.36 -12.73 -14.48
N PHE D 122 -30.69 -13.66 -15.14
CA PHE D 122 -29.34 -13.48 -15.64
C PHE D 122 -29.30 -13.03 -17.09
N THR D 123 -30.45 -12.99 -17.77
CA THR D 123 -30.50 -12.62 -19.18
C THR D 123 -31.33 -11.36 -19.41
N GLY D 124 -31.52 -10.53 -18.41
CA GLY D 124 -32.32 -9.32 -18.56
C GLY D 124 -33.77 -9.56 -18.88
N GLN D 125 -34.31 -10.65 -18.44
CA GLN D 125 -35.70 -10.95 -18.77
C GLN D 125 -36.61 -11.13 -17.56
N ALA D 126 -36.12 -10.90 -16.35
CA ALA D 126 -36.94 -11.13 -15.18
C ALA D 126 -37.38 -9.86 -14.48
N GLY D 127 -36.96 -8.69 -14.96
CA GLY D 127 -37.32 -7.48 -14.26
C GLY D 127 -36.45 -7.15 -13.05
N TYR D 128 -35.43 -7.96 -12.77
CA TYR D 128 -34.44 -7.62 -11.75
C TYR D 128 -33.13 -8.30 -12.13
N ASP D 129 -32.03 -7.76 -11.61
CA ASP D 129 -30.70 -8.30 -11.90
C ASP D 129 -30.42 -9.45 -10.94
N GLY D 130 -30.39 -10.68 -11.46
CA GLY D 130 -30.25 -11.85 -10.60
C GLY D 130 -28.91 -11.92 -9.91
N ALA D 131 -27.83 -11.59 -10.63
CA ALA D 131 -26.51 -11.63 -10.02
C ALA D 131 -26.42 -10.63 -8.88
N GLN D 132 -26.93 -9.41 -9.10
CA GLN D 132 -26.94 -8.41 -8.04
C GLN D 132 -27.78 -8.87 -6.86
N PHE D 133 -28.90 -9.54 -7.13
CA PHE D 133 -29.71 -10.07 -6.05
C PHE D 133 -28.92 -11.04 -5.20
N LEU D 134 -28.23 -12.00 -5.83
CA LEU D 134 -27.43 -12.97 -5.10
C LEU D 134 -26.24 -12.34 -4.41
N ILE D 135 -25.62 -11.33 -5.03
CA ILE D 135 -24.54 -10.61 -4.37
C ILE D 135 -25.03 -9.97 -3.08
N SER D 136 -26.10 -9.18 -3.18
CA SER D 136 -26.65 -8.51 -2.01
C SER D 136 -27.13 -9.51 -0.97
N LEU D 137 -27.87 -10.53 -1.40
CA LEU D 137 -28.35 -11.52 -0.44
C LEU D 137 -27.19 -12.18 0.30
N THR D 138 -26.14 -12.57 -0.44
CA THR D 138 -25.02 -13.24 0.22
C THR D 138 -24.34 -12.32 1.22
N GLN D 139 -24.12 -11.06 0.83
CA GLN D 139 -23.51 -10.08 1.75
C GLN D 139 -24.36 -9.91 3.01
N GLU D 140 -25.66 -9.65 2.82
CA GLU D 140 -26.54 -9.43 3.96
C GLU D 140 -26.60 -10.66 4.85
N LEU D 141 -26.61 -11.84 4.23
CA LEU D 141 -26.71 -13.07 5.01
C LEU D 141 -25.43 -13.33 5.80
N ARG D 142 -24.29 -13.11 5.19
CA ARG D 142 -23.04 -13.34 5.85
C ARG D 142 -22.82 -12.42 7.03
N LYS D 143 -23.26 -11.20 6.86
CA LYS D 143 -23.18 -10.25 7.95
C LYS D 143 -23.85 -10.88 9.16
N ARG D 144 -25.01 -11.47 8.95
CA ARG D 144 -25.79 -12.08 10.03
C ARG D 144 -25.46 -13.52 10.45
N LEU D 145 -24.80 -14.24 9.56
CA LEU D 145 -24.42 -15.64 9.74
C LEU D 145 -22.93 -15.76 9.43
N PRO D 146 -22.06 -15.39 10.36
CA PRO D 146 -20.63 -15.27 10.04
C PRO D 146 -19.97 -16.63 9.87
N SER D 147 -18.90 -16.64 9.06
CA SER D 147 -18.01 -17.78 8.96
C SER D 147 -16.99 -17.75 10.08
N PRO D 148 -16.51 -18.92 10.51
CA PRO D 148 -16.90 -20.25 10.02
C PRO D 148 -18.03 -20.85 10.84
N ASP D 149 -18.64 -20.04 11.71
CA ASP D 149 -19.71 -20.53 12.57
C ASP D 149 -20.87 -21.07 11.75
N TYR D 150 -21.18 -20.42 10.63
CA TYR D 150 -22.31 -20.78 9.79
C TYR D 150 -21.85 -21.02 8.37
N ILE D 151 -22.60 -21.84 7.66
CA ILE D 151 -22.32 -22.15 6.27
C ILE D 151 -23.33 -21.41 5.40
N ILE D 152 -22.85 -20.86 4.30
CA ILE D 152 -23.71 -20.39 3.22
C ILE D 152 -23.22 -21.05 1.94
N SER D 153 -24.04 -21.90 1.34
CA SER D 153 -23.73 -22.48 0.04
C SER D 153 -24.72 -21.99 -1.00
N HIS D 154 -24.34 -22.11 -2.27
CA HIS D 154 -25.27 -21.91 -3.37
C HIS D 154 -25.31 -23.17 -4.21
N ALA D 155 -26.32 -23.27 -5.09
CA ALA D 155 -26.55 -24.48 -5.88
C ALA D 155 -26.70 -24.17 -7.36
N PRO D 156 -25.68 -23.56 -7.97
CA PRO D 156 -25.80 -23.13 -9.36
C PRO D 156 -25.76 -24.28 -10.36
N GLN D 157 -26.32 -24.01 -11.52
CA GLN D 157 -26.22 -24.91 -12.65
C GLN D 157 -25.03 -24.51 -13.53
N PRO D 158 -24.50 -25.44 -14.34
CA PRO D 158 -23.22 -25.18 -15.03
C PRO D 158 -23.24 -23.95 -15.94
N PRO D 159 -24.33 -23.69 -16.69
CA PRO D 159 -24.30 -22.45 -17.50
C PRO D 159 -24.10 -21.19 -16.68
N TYR D 160 -24.50 -21.21 -15.40
CA TYR D 160 -24.32 -20.05 -14.53
C TYR D 160 -22.85 -19.72 -14.30
N LEU D 161 -21.95 -20.67 -14.50
CA LEU D 161 -20.54 -20.55 -14.14
C LEU D 161 -19.63 -20.47 -15.36
N GLU D 162 -20.19 -20.40 -16.56
CA GLU D 162 -19.41 -20.47 -17.79
C GLU D 162 -18.87 -19.10 -18.16
N GLN D 163 -17.57 -18.90 -18.00
CA GLN D 163 -16.94 -17.62 -18.30
C GLN D 163 -17.36 -17.13 -19.69
N GLY D 164 -17.91 -15.95 -19.75
CA GLY D 164 -18.36 -15.38 -20.99
C GLY D 164 -19.72 -15.82 -21.49
N GLY D 165 -20.31 -16.77 -20.80
CA GLY D 165 -21.60 -17.29 -21.16
C GLY D 165 -22.70 -16.29 -20.90
N TYR D 166 -23.67 -16.40 -21.75
CA TYR D 166 -24.84 -15.59 -21.73
C TYR D 166 -25.66 -15.63 -20.46
N MET D 167 -25.69 -16.76 -19.78
CA MET D 167 -26.44 -16.93 -18.55
C MET D 167 -25.52 -17.05 -17.34
N ALA D 168 -24.26 -16.74 -17.51
CA ALA D 168 -23.28 -16.93 -16.46
C ALA D 168 -23.32 -15.98 -15.27
N GLY D 169 -24.49 -15.80 -14.73
CA GLY D 169 -24.66 -14.94 -13.63
C GLY D 169 -23.75 -15.23 -12.45
N TYR D 170 -23.43 -16.50 -12.20
CA TYR D 170 -22.61 -16.78 -11.02
C TYR D 170 -21.15 -16.40 -11.20
N VAL D 171 -20.69 -16.12 -12.42
CA VAL D 171 -19.34 -15.59 -12.57
C VAL D 171 -19.21 -14.25 -11.85
N GLU D 172 -20.18 -13.35 -12.05
CA GLU D 172 -20.15 -12.10 -11.32
C GLU D 172 -20.34 -12.33 -9.82
N VAL D 173 -21.19 -13.30 -9.46
CA VAL D 173 -21.42 -13.58 -8.05
C VAL D 173 -20.13 -14.00 -7.37
N VAL D 174 -19.40 -14.95 -7.96
CA VAL D 174 -18.21 -15.42 -7.25
C VAL D 174 -17.10 -14.38 -7.32
N GLU D 175 -17.11 -13.53 -8.34
CA GLU D 175 -16.10 -12.47 -8.42
C GLU D 175 -16.27 -11.45 -7.30
N LEU D 176 -17.52 -11.21 -6.87
CA LEU D 176 -17.82 -10.17 -5.89
C LEU D 176 -17.99 -10.71 -4.47
N VAL D 177 -18.54 -11.92 -4.30
CA VAL D 177 -18.77 -12.41 -2.95
C VAL D 177 -18.34 -13.87 -2.81
N GLY D 178 -17.59 -14.39 -3.77
CA GLY D 178 -17.12 -15.77 -3.66
C GLY D 178 -16.36 -16.04 -2.39
N GLN D 179 -15.73 -15.02 -1.83
CA GLN D 179 -14.97 -15.16 -0.66
C GLN D 179 -15.82 -15.38 0.58
N GLU D 180 -17.09 -15.12 0.45
CA GLU D 180 -18.08 -15.27 1.48
C GLU D 180 -18.97 -16.53 1.35
N ILE D 181 -18.74 -17.27 0.30
CA ILE D 181 -19.50 -18.48 0.01
C ILE D 181 -18.65 -19.68 0.36
N ASP D 182 -19.21 -20.63 1.13
CA ASP D 182 -18.40 -21.77 1.57
C ASP D 182 -18.19 -22.80 0.46
N TRP D 183 -19.20 -23.06 -0.36
CA TRP D 183 -19.03 -23.91 -1.53
C TRP D 183 -20.23 -23.77 -2.44
N LEU D 184 -20.08 -24.28 -3.66
CA LEU D 184 -21.15 -24.35 -4.65
C LEU D 184 -21.54 -25.80 -4.88
N ASN D 185 -22.83 -26.10 -4.73
CA ASN D 185 -23.36 -27.42 -5.09
C ASN D 185 -23.71 -27.36 -6.58
N VAL D 186 -22.77 -27.75 -7.45
CA VAL D 186 -23.00 -27.61 -8.88
C VAL D 186 -23.91 -28.73 -9.38
N GLN D 187 -25.00 -28.37 -10.06
CA GLN D 187 -26.00 -29.34 -10.47
C GLN D 187 -25.65 -29.84 -11.86
N PHE D 188 -24.88 -30.93 -11.95
CA PHE D 188 -24.49 -31.50 -13.24
C PHE D 188 -25.61 -32.41 -13.78
N TYR D 189 -26.80 -31.84 -13.90
CA TYR D 189 -27.98 -32.53 -14.39
C TYR D 189 -29.00 -31.49 -14.86
N ASN D 190 -29.98 -31.95 -15.65
CA ASN D 190 -30.95 -31.09 -16.31
C ASN D 190 -30.28 -30.01 -17.17
N ASN D 191 -29.09 -30.29 -17.67
CA ASN D 191 -28.27 -29.29 -18.36
C ASN D 191 -27.36 -29.94 -19.39
N PRO D 192 -27.85 -30.12 -20.62
CA PRO D 192 -26.93 -30.46 -21.70
C PRO D 192 -25.99 -29.28 -21.97
N PRO D 193 -24.77 -29.55 -22.45
CA PRO D 193 -24.22 -30.86 -22.75
C PRO D 193 -23.53 -31.49 -21.56
N TRP D 194 -23.72 -30.97 -20.35
CA TRP D 194 -23.06 -31.61 -19.20
C TRP D 194 -23.75 -32.90 -18.82
N SER D 195 -25.08 -32.94 -18.89
CA SER D 195 -25.84 -34.11 -18.42
C SER D 195 -25.27 -35.39 -18.99
N ALA D 196 -24.85 -36.28 -18.09
CA ALA D 196 -24.40 -37.64 -18.41
C ALA D 196 -23.22 -37.66 -19.36
N ASN D 197 -22.36 -36.62 -19.30
CA ASN D 197 -21.20 -36.47 -20.16
C ASN D 197 -19.98 -36.28 -19.26
N PRO D 198 -19.40 -37.37 -18.76
CA PRO D 198 -18.35 -37.24 -17.74
C PRO D 198 -17.14 -36.40 -18.16
N ASP D 199 -16.68 -36.53 -19.41
CA ASP D 199 -15.51 -35.75 -19.82
C ASP D 199 -15.81 -34.25 -19.73
N GLN D 200 -17.02 -33.85 -20.15
CA GLN D 200 -17.42 -32.45 -20.02
C GLN D 200 -17.57 -32.04 -18.56
N ILE D 201 -18.15 -32.91 -17.73
CA ILE D 201 -18.31 -32.57 -16.31
C ILE D 201 -16.95 -32.37 -15.67
N VAL D 202 -15.98 -33.24 -15.98
CA VAL D 202 -14.67 -33.14 -15.37
C VAL D 202 -13.98 -31.83 -15.78
N SER D 203 -13.94 -31.56 -17.09
CA SER D 203 -13.22 -30.36 -17.51
C SER D 203 -13.91 -29.10 -16.99
N SER D 204 -15.24 -29.09 -16.98
CA SER D 204 -15.94 -27.92 -16.46
C SER D 204 -15.74 -27.78 -14.97
N TYR D 205 -15.83 -28.90 -14.22
CA TYR D 205 -15.54 -28.85 -12.79
C TYR D 205 -14.19 -28.19 -12.54
N LEU D 206 -13.16 -28.66 -13.24
CA LEU D 206 -11.82 -28.09 -13.04
C LEU D 206 -11.82 -26.60 -13.37
N ASN D 207 -12.51 -26.20 -14.43
CA ASN D 207 -12.64 -24.77 -14.76
C ASN D 207 -13.24 -24.00 -13.59
N TYR D 208 -14.30 -24.55 -12.98
CA TYR D 208 -15.00 -23.84 -11.92
C TYR D 208 -14.13 -23.66 -10.69
N THR D 209 -13.24 -24.63 -10.41
CA THR D 209 -12.32 -24.50 -9.29
C THR D 209 -11.31 -23.39 -9.50
N LYS D 210 -11.12 -22.94 -10.74
CA LYS D 210 -10.17 -21.87 -11.04
C LYS D 210 -10.86 -20.53 -11.24
N LEU D 211 -12.18 -20.46 -11.02
CA LEU D 211 -12.86 -19.17 -11.06
C LEU D 211 -12.31 -18.27 -9.96
N PRO D 212 -12.41 -16.96 -10.13
CA PRO D 212 -11.94 -16.05 -9.07
C PRO D 212 -12.64 -16.36 -7.75
N ASN D 213 -11.84 -16.41 -6.67
CA ASN D 213 -12.28 -16.69 -5.31
C ASN D 213 -12.73 -18.14 -5.12
N MET D 214 -12.54 -18.98 -6.12
CA MET D 214 -12.92 -20.37 -5.98
C MET D 214 -11.68 -21.24 -5.79
N SER D 215 -11.93 -22.48 -5.43
CA SER D 215 -10.94 -23.51 -5.16
C SER D 215 -11.64 -24.84 -5.23
N PRO D 216 -10.90 -25.94 -5.36
CA PRO D 216 -11.55 -27.26 -5.32
C PRO D 216 -12.43 -27.45 -4.08
N GLU D 217 -11.95 -27.00 -2.92
CA GLU D 217 -12.72 -27.16 -1.69
C GLU D 217 -14.09 -26.50 -1.78
N LYS D 218 -14.23 -25.46 -2.60
CA LYS D 218 -15.48 -24.72 -2.69
C LYS D 218 -16.37 -25.16 -3.85
N VAL D 219 -16.03 -26.24 -4.56
CA VAL D 219 -16.87 -26.70 -5.65
C VAL D 219 -17.24 -28.17 -5.43
N ILE D 220 -18.54 -28.44 -5.33
CA ILE D 220 -19.11 -29.76 -5.12
C ILE D 220 -19.81 -30.19 -6.40
N ALA D 221 -19.50 -31.39 -6.89
CA ALA D 221 -20.14 -31.92 -8.08
C ALA D 221 -21.41 -32.67 -7.69
N GLY D 222 -22.57 -32.24 -8.20
CA GLY D 222 -23.86 -32.84 -7.84
C GLY D 222 -24.46 -33.68 -8.95
N PHE D 223 -25.11 -34.79 -8.56
CA PHE D 223 -25.69 -35.76 -9.47
C PHE D 223 -27.04 -36.25 -8.98
N PRO D 224 -27.91 -36.70 -9.89
CA PRO D 224 -29.12 -37.42 -9.47
C PRO D 224 -28.80 -38.85 -9.06
N VAL D 225 -29.53 -39.35 -8.08
CA VAL D 225 -29.31 -40.71 -7.63
C VAL D 225 -29.76 -41.72 -8.63
N THR D 226 -30.99 -41.59 -9.09
CA THR D 226 -31.56 -42.56 -10.00
C THR D 226 -32.06 -41.90 -11.29
N GLN D 227 -32.52 -42.74 -12.20
CA GLN D 227 -33.08 -42.33 -13.46
C GLN D 227 -34.27 -41.39 -13.27
N ASN D 228 -34.96 -41.53 -12.17
CA ASN D 228 -36.17 -40.76 -11.93
C ASN D 228 -35.93 -39.41 -11.27
N ASP D 229 -34.69 -39.08 -10.91
CA ASP D 229 -34.42 -37.90 -10.09
C ASP D 229 -34.14 -36.65 -10.91
N ALA D 230 -33.90 -36.77 -12.22
CA ALA D 230 -33.72 -35.60 -13.06
C ALA D 230 -34.20 -35.94 -14.47
N GLY D 231 -34.63 -34.91 -15.22
CA GLY D 231 -35.01 -35.14 -16.60
C GLY D 231 -33.85 -35.58 -17.47
N SER D 232 -32.65 -35.11 -17.15
CA SER D 232 -31.44 -35.57 -17.81
C SER D 232 -30.29 -35.52 -16.82
N GLY D 233 -29.25 -36.31 -17.09
CA GLY D 233 -28.06 -36.30 -16.27
C GLY D 233 -27.82 -37.54 -15.42
N TYR D 234 -28.75 -38.47 -15.35
CA TYR D 234 -28.48 -39.69 -14.59
C TYR D 234 -27.32 -40.46 -15.21
N MET D 235 -26.42 -40.93 -14.34
CA MET D 235 -25.32 -41.79 -14.67
C MET D 235 -25.22 -42.86 -13.60
N PRO D 236 -25.00 -44.12 -13.99
CA PRO D 236 -24.77 -45.17 -13.00
C PRO D 236 -23.62 -44.80 -12.08
N VAL D 237 -23.71 -45.23 -10.82
CA VAL D 237 -22.69 -44.84 -9.85
C VAL D 237 -21.30 -45.31 -10.29
N GLN D 238 -21.20 -46.44 -10.98
CA GLN D 238 -19.89 -46.88 -11.45
C GLN D 238 -19.29 -45.88 -12.42
N THR D 239 -20.14 -45.19 -13.19
CA THR D 239 -19.65 -44.22 -14.15
C THR D 239 -19.27 -42.91 -13.46
N ILE D 240 -20.06 -42.50 -12.45
CA ILE D 240 -19.66 -41.38 -11.61
C ILE D 240 -18.29 -41.64 -10.99
N ILE D 241 -18.11 -42.82 -10.40
CA ILE D 241 -16.85 -43.10 -9.70
C ILE D 241 -15.69 -43.10 -10.68
N ASN D 242 -15.83 -43.83 -11.77
CA ASN D 242 -14.65 -44.07 -12.61
C ASN D 242 -14.46 -43.04 -13.70
N GLU D 243 -15.49 -42.29 -14.08
CA GLU D 243 -15.34 -41.31 -15.15
C GLU D 243 -15.48 -39.87 -14.68
N VAL D 244 -15.81 -39.65 -13.41
CA VAL D 244 -15.84 -38.28 -12.86
C VAL D 244 -14.94 -38.16 -11.64
N ILE D 245 -15.23 -38.94 -10.59
CA ILE D 245 -14.51 -38.78 -9.33
C ILE D 245 -13.02 -39.04 -9.50
N LYS D 246 -12.67 -40.24 -9.96
CA LYS D 246 -11.24 -40.57 -10.07
C LYS D 246 -10.50 -39.66 -11.05
N PRO D 247 -11.04 -39.31 -12.23
CA PRO D 247 -10.35 -38.31 -13.07
C PRO D 247 -10.13 -36.97 -12.41
N ILE D 248 -11.09 -36.51 -11.61
CA ILE D 248 -10.86 -35.23 -10.92
C ILE D 248 -9.77 -35.39 -9.87
N GLN D 249 -9.81 -36.49 -9.12
CA GLN D 249 -8.78 -36.72 -8.10
C GLN D 249 -7.40 -36.81 -8.72
N GLN D 250 -7.31 -37.33 -9.94
CA GLN D 250 -6.01 -37.46 -10.60
C GLN D 250 -5.42 -36.12 -10.98
N GLN D 251 -6.26 -35.12 -11.23
CA GLN D 251 -5.77 -33.83 -11.71
C GLN D 251 -5.74 -32.76 -10.64
N SER D 252 -6.63 -32.85 -9.66
CA SER D 252 -6.76 -31.79 -8.67
C SER D 252 -7.14 -32.45 -7.36
N SER D 253 -7.92 -31.77 -6.54
CA SER D 253 -8.63 -32.39 -5.44
C SER D 253 -10.11 -32.14 -5.67
N LEU D 254 -10.95 -32.95 -5.03
CA LEU D 254 -12.39 -32.95 -5.30
C LEU D 254 -13.08 -32.39 -4.07
N GLY D 255 -13.74 -31.24 -4.23
CA GLY D 255 -14.40 -30.61 -3.11
C GLY D 255 -15.46 -31.51 -2.48
N GLY D 256 -16.14 -32.29 -3.29
CA GLY D 256 -17.15 -33.18 -2.77
C GLY D 256 -18.14 -33.60 -3.83
N ILE D 257 -19.11 -34.42 -3.38
CA ILE D 257 -20.19 -34.95 -4.20
C ILE D 257 -21.51 -34.64 -3.52
N MET D 258 -22.45 -34.07 -4.28
CA MET D 258 -23.80 -33.78 -3.83
C MET D 258 -24.75 -34.68 -4.61
N ASN D 259 -25.90 -35.05 -3.99
CA ASN D 259 -26.90 -35.79 -4.74
C ASN D 259 -28.28 -35.18 -4.56
N TRP D 260 -29.10 -35.37 -5.58
CA TRP D 260 -30.52 -35.12 -5.54
C TRP D 260 -31.18 -36.47 -5.79
N GLN D 261 -31.83 -37.09 -4.82
CA GLN D 261 -32.03 -36.59 -3.45
C GLN D 261 -32.04 -37.77 -2.48
N PHE D 262 -31.97 -37.46 -1.18
CA PHE D 262 -31.75 -38.47 -0.14
C PHE D 262 -32.71 -39.63 -0.24
N SER D 263 -34.02 -39.36 -0.30
CA SER D 263 -34.95 -40.48 -0.21
C SER D 263 -34.95 -41.36 -1.45
N SER D 264 -34.22 -41.00 -2.50
CA SER D 264 -34.13 -41.85 -3.67
C SER D 264 -33.06 -42.91 -3.56
N ASP D 265 -32.22 -42.86 -2.52
CA ASP D 265 -31.09 -43.78 -2.36
C ASP D 265 -31.47 -44.92 -1.42
N HIS D 266 -31.83 -46.07 -2.00
CA HIS D 266 -32.27 -47.22 -1.22
C HIS D 266 -31.18 -47.73 -0.29
N ASN D 267 -31.48 -47.75 1.02
CA ASN D 267 -30.59 -48.21 2.08
C ASN D 267 -29.30 -47.42 2.15
N GLY D 268 -29.26 -46.24 1.54
CA GLY D 268 -28.02 -45.49 1.50
C GLY D 268 -26.91 -46.18 0.74
N ASP D 269 -27.25 -47.08 -0.17
CA ASP D 269 -26.22 -47.82 -0.91
C ASP D 269 -25.41 -46.89 -1.80
N TRP D 270 -26.05 -45.91 -2.43
CA TRP D 270 -25.35 -44.99 -3.33
C TRP D 270 -24.33 -44.16 -2.56
N ILE D 271 -24.75 -43.54 -1.44
CA ILE D 271 -23.81 -42.70 -0.70
C ILE D 271 -22.69 -43.54 -0.10
N LYS D 272 -22.95 -44.76 0.31
CA LYS D 272 -21.88 -45.58 0.82
C LYS D 272 -20.87 -45.89 -0.28
N ALA D 273 -21.36 -46.22 -1.46
CA ALA D 273 -20.49 -46.50 -2.56
C ALA D 273 -19.63 -45.29 -2.92
N ILE D 274 -20.27 -44.14 -2.99
CA ILE D 274 -19.63 -42.92 -3.35
C ILE D 274 -18.65 -42.48 -2.26
N ALA D 275 -19.09 -42.55 -1.03
CA ALA D 275 -18.24 -42.20 0.08
C ALA D 275 -17.00 -43.05 0.07
N GLN D 276 -17.11 -44.30 -0.31
CA GLN D 276 -15.92 -45.15 -0.30
C GLN D 276 -14.89 -44.63 -1.29
N SER D 277 -15.34 -44.02 -2.35
CA SER D 277 -14.44 -43.53 -3.36
C SER D 277 -13.76 -42.23 -3.06
N LEU D 278 -14.14 -41.58 -2.01
CA LEU D 278 -13.57 -40.29 -1.65
C LEU D 278 -12.49 -40.40 -0.58
#